data_3BYI
#
_entry.id   3BYI
#
_cell.length_a   120.618
_cell.length_b   130.142
_cell.length_c   62.477
_cell.angle_alpha   90.000
_cell.angle_beta   90.000
_cell.angle_gamma   90.000
#
_symmetry.space_group_name_H-M   'P 21 21 2'
#
loop_
_entity.id
_entity.type
_entity.pdbx_description
1 polymer 'Rho GTPase activating protein 15'
2 water water
#
_entity_poly.entity_id   1
_entity_poly.type   'polypeptide(L)'
_entity_poly.pdbx_seq_one_letter_code
;SMRPSLKTLQEKGLIKDQIFGSHLHKVCERENSTVPWFVKQCIEAVEKRGLDVDGIYRVSGNLATIQKLRFIVNQEEKLN
LDDSQWEDIHVVTGALKMFFRELPEPLFPYSFFEQFVEAIKKQDNNTRIEAVKSLVQKLPPPNRDTMKVLFGHLTKIVAK
ASKNLMSTQSLGIVFGPTLLRAENETGNMAIHMVYQNQIAELMLSEYSKIFGSE
;
_entity_poly.pdbx_strand_id   A,B,C,D
#
# COMPACT_ATOMS: atom_id res chain seq x y z
N MET A 2 -4.70 -28.99 40.89
CA MET A 2 -5.39 -30.01 40.04
C MET A 2 -6.50 -29.36 39.22
N ARG A 3 -6.12 -28.55 38.23
CA ARG A 3 -7.09 -27.84 37.39
C ARG A 3 -7.54 -28.70 36.19
N PRO A 4 -8.86 -28.71 35.91
CA PRO A 4 -9.35 -29.56 34.83
C PRO A 4 -8.92 -29.08 33.43
N SER A 5 -8.83 -30.03 32.50
CA SER A 5 -8.51 -29.72 31.10
C SER A 5 -9.69 -29.05 30.39
N LEU A 6 -9.44 -28.61 29.16
CA LEU A 6 -10.52 -28.13 28.28
C LEU A 6 -11.42 -29.31 27.89
N LYS A 7 -10.82 -30.48 27.61
CA LYS A 7 -11.60 -31.73 27.39
C LYS A 7 -12.52 -31.98 28.59
N THR A 8 -11.92 -32.07 29.78
CA THR A 8 -12.69 -32.22 31.03
C THR A 8 -13.81 -31.16 31.10
N LEU A 9 -13.47 -29.87 31.00
CA LEU A 9 -14.46 -28.83 31.17
C LEU A 9 -15.60 -28.96 30.16
N GLN A 10 -15.27 -29.41 28.95
CA GLN A 10 -16.28 -29.63 27.89
C GLN A 10 -17.12 -30.85 28.17
N GLU A 11 -16.47 -31.94 28.60
CA GLU A 11 -17.16 -33.16 29.05
C GLU A 11 -18.07 -32.80 30.22
N LYS A 12 -17.46 -32.42 31.35
CA LYS A 12 -18.20 -32.03 32.56
C LYS A 12 -19.39 -31.14 32.21
N GLY A 13 -19.26 -30.33 31.17
CA GLY A 13 -20.32 -29.45 30.70
C GLY A 13 -20.10 -28.00 31.04
N LEU A 14 -18.94 -27.68 31.65
CA LEU A 14 -18.67 -26.32 32.15
C LEU A 14 -18.32 -25.30 31.06
N ILE A 15 -17.59 -25.73 30.02
CA ILE A 15 -17.21 -24.88 28.88
C ILE A 15 -17.75 -25.51 27.60
N LYS A 16 -18.76 -24.86 27.04
CA LYS A 16 -19.47 -25.37 25.86
C LYS A 16 -18.64 -25.31 24.57
N ASP A 17 -17.95 -24.18 24.34
CA ASP A 17 -17.27 -23.91 23.04
C ASP A 17 -18.20 -24.10 21.84
N GLN A 18 -19.43 -23.65 22.02
CA GLN A 18 -20.52 -24.01 21.14
C GLN A 18 -20.46 -23.32 19.75
N ILE A 19 -20.13 -22.02 19.71
CA ILE A 19 -20.33 -21.19 18.50
C ILE A 19 -19.05 -20.92 17.73
N PHE A 20 -18.06 -20.39 18.43
CA PHE A 20 -16.82 -19.97 17.77
C PHE A 20 -16.06 -21.25 17.44
N GLY A 21 -15.53 -21.30 16.21
CA GLY A 21 -14.77 -22.44 15.73
C GLY A 21 -15.59 -23.54 15.09
N SER A 22 -16.92 -23.39 15.07
CA SER A 22 -17.80 -24.34 14.38
C SER A 22 -18.03 -23.83 12.97
N HIS A 23 -18.23 -24.77 12.04
CA HIS A 23 -18.58 -24.43 10.66
C HIS A 23 -19.80 -23.54 10.64
N LEU A 24 -19.80 -22.57 9.74
CA LEU A 24 -20.98 -21.71 9.50
C LEU A 24 -22.25 -22.57 9.36
N HIS A 25 -22.13 -23.72 8.70
CA HIS A 25 -23.26 -24.60 8.41
C HIS A 25 -23.82 -25.29 9.63
N LYS A 26 -22.94 -25.59 10.58
CA LYS A 26 -23.37 -26.15 11.85
C LYS A 26 -23.97 -25.08 12.76
N VAL A 27 -23.39 -23.87 12.76
CA VAL A 27 -23.96 -22.80 13.60
C VAL A 27 -25.39 -22.51 13.13
N CYS A 28 -25.55 -22.43 11.82
CA CYS A 28 -26.80 -22.06 11.20
C CYS A 28 -27.81 -23.16 11.33
N GLU A 29 -27.35 -24.42 11.25
CA GLU A 29 -28.28 -25.56 11.35
C GLU A 29 -28.89 -25.63 12.76
N ARG A 30 -28.05 -25.38 13.75
CA ARG A 30 -28.47 -25.38 15.16
C ARG A 30 -29.53 -24.29 15.46
N GLU A 31 -29.37 -23.11 14.86
CA GLU A 31 -30.33 -21.98 15.02
C GLU A 31 -31.47 -22.00 14.01
N ASN A 32 -31.39 -22.91 13.04
CA ASN A 32 -32.38 -23.01 11.97
C ASN A 32 -32.43 -21.70 11.17
N SER A 33 -31.23 -21.23 10.80
CA SER A 33 -31.01 -19.92 10.15
C SER A 33 -30.11 -20.09 8.94
N THR A 34 -29.96 -19.03 8.16
CA THR A 34 -28.90 -18.94 7.15
C THR A 34 -27.95 -17.80 7.48
N VAL A 35 -28.26 -17.06 8.55
CA VAL A 35 -27.34 -16.08 9.09
C VAL A 35 -27.26 -16.23 10.61
N PRO A 36 -26.04 -16.42 11.15
CA PRO A 36 -25.95 -16.55 12.59
C PRO A 36 -26.47 -15.34 13.36
N TRP A 37 -27.24 -15.62 14.39
CA TRP A 37 -27.73 -14.59 15.31
C TRP A 37 -26.62 -13.65 15.81
N PHE A 38 -25.44 -14.20 16.11
CA PHE A 38 -24.37 -13.36 16.66
C PHE A 38 -23.91 -12.32 15.64
N VAL A 39 -23.88 -12.71 14.37
CA VAL A 39 -23.54 -11.81 13.29
C VAL A 39 -24.59 -10.66 13.17
N LYS A 40 -25.86 -11.01 13.29
CA LYS A 40 -26.89 -10.00 13.19
C LYS A 40 -26.91 -9.08 14.44
N GLN A 41 -26.61 -9.64 15.61
CA GLN A 41 -26.50 -8.83 16.82
C GLN A 41 -25.39 -7.79 16.73
N CYS A 42 -24.23 -8.22 16.23
CA CYS A 42 -23.07 -7.35 16.12
C CYS A 42 -23.33 -6.24 15.14
N ILE A 43 -23.82 -6.62 13.97
CA ILE A 43 -24.27 -5.69 12.94
C ILE A 43 -25.24 -4.65 13.51
N GLU A 44 -26.24 -5.11 14.26
CA GLU A 44 -27.23 -4.18 14.80
C GLU A 44 -26.57 -3.14 15.73
N ALA A 45 -25.69 -3.60 16.62
CA ALA A 45 -24.98 -2.71 17.54
C ALA A 45 -24.07 -1.72 16.81
N VAL A 46 -23.45 -2.15 15.72
CA VAL A 46 -22.59 -1.27 14.95
C VAL A 46 -23.43 -0.22 14.19
N GLU A 47 -24.54 -0.63 13.61
CA GLU A 47 -25.47 0.30 13.01
C GLU A 47 -26.08 1.29 14.00
N LYS A 48 -26.36 0.85 15.21
CA LYS A 48 -26.97 1.69 16.24
C LYS A 48 -26.00 2.75 16.73
N ARG A 49 -24.76 2.36 17.01
CA ARG A 49 -23.82 3.27 17.65
C ARG A 49 -22.37 3.21 17.11
N GLY A 50 -22.20 2.75 15.87
CA GLY A 50 -20.84 2.66 15.33
C GLY A 50 -20.59 3.27 13.98
N LEU A 51 -21.63 3.78 13.30
CA LEU A 51 -21.47 4.19 11.91
C LEU A 51 -20.62 5.46 11.75
N ASP A 52 -20.61 6.30 12.79
CA ASP A 52 -19.87 7.55 12.77
C ASP A 52 -18.53 7.46 13.48
N VAL A 53 -18.14 6.28 13.93
CA VAL A 53 -16.97 6.15 14.76
C VAL A 53 -15.72 6.01 13.86
N ASP A 54 -14.71 6.81 14.16
CA ASP A 54 -13.49 6.85 13.35
C ASP A 54 -12.83 5.49 13.31
N GLY A 55 -12.52 5.01 12.10
CA GLY A 55 -11.78 3.75 11.95
C GLY A 55 -12.56 2.50 12.32
N ILE A 56 -13.88 2.59 12.29
CA ILE A 56 -14.75 1.47 12.55
C ILE A 56 -14.35 0.30 11.66
N TYR A 57 -14.10 -0.86 12.31
CA TYR A 57 -13.61 -2.12 11.72
C TYR A 57 -12.09 -2.22 11.52
N ARG A 58 -11.42 -1.07 11.45
CA ARG A 58 -9.99 -1.03 11.41
C ARG A 58 -9.43 -0.98 12.85
N VAL A 59 -10.01 -0.12 13.67
CA VAL A 59 -9.54 -0.01 15.07
C VAL A 59 -9.87 -1.29 15.83
N SER A 60 -8.94 -1.67 16.70
CA SER A 60 -9.05 -2.89 17.52
C SER A 60 -9.66 -2.57 18.86
N GLY A 61 -10.61 -3.36 19.30
CA GLY A 61 -11.08 -3.26 20.67
C GLY A 61 -10.17 -4.03 21.60
N ASN A 62 -10.36 -3.82 22.89
CA ASN A 62 -9.63 -4.53 23.94
C ASN A 62 -9.81 -6.05 23.79
N LEU A 63 -8.73 -6.78 23.46
CA LEU A 63 -8.84 -8.19 23.10
C LEU A 63 -9.29 -9.01 24.29
N ALA A 64 -8.83 -8.64 25.49
CA ALA A 64 -9.32 -9.30 26.72
C ALA A 64 -10.86 -9.19 26.87
N THR A 65 -11.45 -8.04 26.50
CA THR A 65 -12.90 -7.87 26.53
C THR A 65 -13.56 -8.63 25.39
N ILE A 66 -12.96 -8.64 24.21
CA ILE A 66 -13.45 -9.47 23.10
C ILE A 66 -13.48 -10.94 23.51
N GLN A 67 -12.42 -11.40 24.16
CA GLN A 67 -12.31 -12.79 24.58
C GLN A 67 -13.43 -13.15 25.57
N LYS A 68 -13.80 -12.21 26.46
CA LYS A 68 -14.94 -12.43 27.36
C LYS A 68 -16.27 -12.42 26.64
N LEU A 69 -16.39 -11.57 25.62
CA LEU A 69 -17.58 -11.54 24.76
C LEU A 69 -17.75 -12.90 24.08
N ARG A 70 -16.68 -13.39 23.45
CA ARG A 70 -16.64 -14.72 22.83
C ARG A 70 -17.04 -15.82 23.81
N PHE A 71 -16.52 -15.74 25.02
CA PHE A 71 -16.81 -16.76 26.03
C PHE A 71 -18.30 -16.82 26.38
N ILE A 72 -18.85 -15.65 26.67
CA ILE A 72 -20.28 -15.52 26.98
C ILE A 72 -21.11 -16.12 25.83
N VAL A 73 -20.74 -15.81 24.60
CA VAL A 73 -21.47 -16.33 23.44
C VAL A 73 -21.34 -17.87 23.31
N ASN A 74 -20.12 -18.36 23.54
CA ASN A 74 -19.87 -19.79 23.54
C ASN A 74 -20.62 -20.54 24.64
N GLN A 75 -20.75 -19.90 25.82
CA GLN A 75 -21.55 -20.42 26.92
C GLN A 75 -23.05 -20.40 26.62
N GLU A 76 -23.42 -19.91 25.43
CA GLU A 76 -24.79 -19.56 25.08
C GLU A 76 -25.58 -18.87 26.20
N GLU A 77 -24.97 -17.87 26.84
CA GLU A 77 -25.66 -16.98 27.75
C GLU A 77 -26.39 -15.95 26.90
N LYS A 78 -27.35 -15.27 27.53
CA LYS A 78 -28.03 -14.14 26.89
C LYS A 78 -27.03 -12.99 26.72
N LEU A 79 -26.93 -12.49 25.50
CA LEU A 79 -26.05 -11.38 25.22
C LEU A 79 -26.92 -10.13 25.02
N ASN A 80 -26.57 -9.04 25.71
CA ASN A 80 -27.14 -7.72 25.47
C ASN A 80 -26.02 -6.72 25.18
N LEU A 81 -25.88 -6.32 23.92
CA LEU A 81 -24.79 -5.43 23.53
C LEU A 81 -25.00 -3.97 23.97
N ASP A 82 -26.14 -3.67 24.59
CA ASP A 82 -26.33 -2.37 25.24
C ASP A 82 -25.78 -2.32 26.66
N ASP A 83 -25.33 -3.45 27.19
CA ASP A 83 -24.69 -3.45 28.50
C ASP A 83 -23.39 -2.66 28.47
N SER A 84 -23.10 -1.99 29.57
CA SER A 84 -21.97 -1.09 29.68
C SER A 84 -20.64 -1.79 29.41
N GLN A 85 -20.59 -3.09 29.70
CA GLN A 85 -19.41 -3.91 29.44
C GLN A 85 -19.00 -3.87 27.97
N TRP A 86 -19.98 -3.71 27.07
CA TRP A 86 -19.71 -3.68 25.61
C TRP A 86 -19.77 -2.28 25.01
N GLU A 87 -19.55 -1.25 25.84
CA GLU A 87 -19.71 0.15 25.42
C GLU A 87 -18.73 0.62 24.34
N ASP A 88 -17.56 0.01 24.28
CA ASP A 88 -16.60 0.28 23.21
C ASP A 88 -17.02 -0.56 22.00
N ILE A 89 -17.56 0.09 20.97
CA ILE A 89 -18.06 -0.60 19.76
C ILE A 89 -16.95 -1.34 19.01
N HIS A 90 -15.69 -1.01 19.30
CA HIS A 90 -14.58 -1.72 18.69
C HIS A 90 -14.40 -3.16 19.25
N VAL A 91 -14.87 -3.40 20.47
CA VAL A 91 -14.97 -4.77 21.01
C VAL A 91 -15.98 -5.61 20.18
N VAL A 92 -17.06 -4.97 19.74
CA VAL A 92 -18.11 -5.62 18.93
C VAL A 92 -17.58 -5.93 17.54
N THR A 93 -16.97 -4.94 16.91
CA THR A 93 -16.40 -5.18 15.59
C THR A 93 -15.32 -6.24 15.66
N GLY A 94 -14.47 -6.18 16.68
CA GLY A 94 -13.42 -7.18 16.89
C GLY A 94 -13.94 -8.60 17.08
N ALA A 95 -15.03 -8.72 17.79
CA ALA A 95 -15.64 -10.01 18.07
C ALA A 95 -16.30 -10.55 16.81
N LEU A 96 -16.94 -9.68 16.03
CA LEU A 96 -17.50 -10.10 14.73
C LEU A 96 -16.40 -10.64 13.83
N LYS A 97 -15.30 -9.90 13.70
CA LYS A 97 -14.21 -10.33 12.84
C LYS A 97 -13.59 -11.62 13.32
N MET A 98 -13.43 -11.74 14.64
CA MET A 98 -12.91 -12.96 15.27
C MET A 98 -13.79 -14.18 14.96
N PHE A 99 -15.10 -13.97 14.93
CA PHE A 99 -16.05 -15.02 14.56
C PHE A 99 -15.73 -15.51 13.16
N PHE A 100 -15.60 -14.59 12.21
CA PHE A 100 -15.31 -14.98 10.84
C PHE A 100 -13.92 -15.63 10.68
N ARG A 101 -12.95 -15.12 11.45
CA ARG A 101 -11.59 -15.69 11.42
C ARG A 101 -11.53 -17.08 12.03
N GLU A 102 -12.43 -17.38 12.98
CA GLU A 102 -12.38 -18.67 13.70
C GLU A 102 -13.26 -19.74 13.02
N LEU A 103 -14.04 -19.39 12.02
CA LEU A 103 -14.81 -20.38 11.26
C LEU A 103 -13.81 -21.39 10.77
N PRO A 104 -14.11 -22.71 10.84
CA PRO A 104 -13.13 -23.66 10.28
C PRO A 104 -12.89 -23.51 8.78
N GLU A 105 -13.88 -23.03 8.05
CA GLU A 105 -13.75 -22.75 6.63
C GLU A 105 -14.16 -21.27 6.53
N PRO A 106 -13.45 -20.50 5.69
CA PRO A 106 -13.88 -19.11 5.52
C PRO A 106 -15.27 -18.92 4.90
N LEU A 107 -15.84 -17.72 5.08
CA LEU A 107 -17.15 -17.37 4.51
C LEU A 107 -17.19 -17.67 3.01
N PHE A 108 -16.10 -17.32 2.34
CA PHE A 108 -15.92 -17.65 0.93
C PHE A 108 -15.28 -19.03 0.90
N PRO A 109 -16.06 -20.07 0.50
CA PRO A 109 -15.45 -21.37 0.57
C PRO A 109 -14.21 -21.51 -0.32
N TYR A 110 -13.24 -22.24 0.20
CA TYR A 110 -12.04 -22.63 -0.52
C TYR A 110 -12.35 -23.22 -1.92
N SER A 111 -13.38 -24.06 -2.02
CA SER A 111 -13.76 -24.63 -3.34
C SER A 111 -14.14 -23.54 -4.36
N PHE A 112 -14.65 -22.40 -3.87
CA PHE A 112 -15.01 -21.30 -4.75
C PHE A 112 -13.87 -20.32 -5.08
N PHE A 113 -12.78 -20.34 -4.32
CA PHE A 113 -11.76 -19.29 -4.47
C PHE A 113 -11.22 -19.12 -5.90
N GLU A 114 -10.86 -20.22 -6.55
CA GLU A 114 -10.38 -20.16 -7.94
C GLU A 114 -11.40 -19.50 -8.87
N GLN A 115 -12.69 -19.80 -8.64
CA GLN A 115 -13.77 -19.25 -9.46
C GLN A 115 -13.95 -17.76 -9.26
N PHE A 116 -13.87 -17.30 -8.00
CA PHE A 116 -13.96 -15.85 -7.63
C PHE A 116 -12.78 -15.03 -8.14
N VAL A 117 -11.59 -15.61 -8.06
CA VAL A 117 -10.38 -15.01 -8.68
C VAL A 117 -10.54 -14.83 -10.18
N GLU A 118 -10.98 -15.89 -10.89
CA GLU A 118 -11.27 -15.79 -12.33
C GLU A 118 -12.27 -14.68 -12.59
N ALA A 119 -13.26 -14.58 -11.69
CA ALA A 119 -14.32 -13.58 -11.82
C ALA A 119 -13.78 -12.16 -11.76
N ILE A 120 -12.97 -11.82 -10.77
CA ILE A 120 -12.47 -10.41 -10.72
C ILE A 120 -11.39 -10.11 -11.75
N LYS A 121 -10.77 -11.15 -12.33
CA LYS A 121 -9.77 -10.94 -13.38
C LYS A 121 -10.40 -10.51 -14.71
N LYS A 122 -11.73 -10.60 -14.81
CA LYS A 122 -12.46 -10.35 -16.08
C LYS A 122 -12.17 -8.98 -16.65
N GLN A 123 -12.23 -8.87 -17.98
CA GLN A 123 -11.73 -7.73 -18.74
C GLN A 123 -12.37 -6.36 -18.40
N ASP A 124 -13.67 -6.33 -18.14
CA ASP A 124 -14.36 -5.10 -17.72
C ASP A 124 -15.25 -5.33 -16.50
N ASN A 125 -15.60 -4.26 -15.80
CA ASN A 125 -16.30 -4.33 -14.50
C ASN A 125 -17.70 -5.03 -14.53
N ASN A 126 -18.44 -4.95 -15.66
CA ASN A 126 -19.80 -5.54 -15.76
C ASN A 126 -19.78 -7.06 -15.95
N THR A 127 -18.78 -7.52 -16.71
CA THR A 127 -18.48 -8.93 -16.77
C THR A 127 -18.16 -9.42 -15.37
N ARG A 128 -17.27 -8.71 -14.67
CA ARG A 128 -16.89 -9.07 -13.30
C ARG A 128 -18.12 -9.21 -12.41
N ILE A 129 -18.98 -8.20 -12.44
CA ILE A 129 -20.20 -8.14 -11.62
C ILE A 129 -21.03 -9.40 -11.85
N GLU A 130 -21.35 -9.67 -13.11
CA GLU A 130 -22.13 -10.85 -13.49
C GLU A 130 -21.52 -12.18 -13.08
N ALA A 131 -20.21 -12.35 -13.30
CA ALA A 131 -19.51 -13.58 -12.96
C ALA A 131 -19.57 -13.87 -11.46
N VAL A 132 -19.35 -12.81 -10.68
CA VAL A 132 -19.33 -12.88 -9.22
C VAL A 132 -20.71 -13.16 -8.65
N LYS A 133 -21.73 -12.57 -9.27
CA LYS A 133 -23.13 -12.76 -8.91
C LYS A 133 -23.63 -14.18 -9.19
N SER A 134 -23.21 -14.72 -10.33
CA SER A 134 -23.41 -16.12 -10.69
C SER A 134 -22.88 -17.01 -9.59
N LEU A 135 -21.64 -16.73 -9.15
CA LEU A 135 -20.99 -17.55 -8.15
C LEU A 135 -21.70 -17.47 -6.80
N VAL A 136 -22.13 -16.29 -6.39
CA VAL A 136 -22.87 -16.13 -5.13
C VAL A 136 -24.13 -17.01 -5.14
N GLN A 137 -24.80 -17.07 -6.29
CA GLN A 137 -25.97 -17.94 -6.48
C GLN A 137 -25.63 -19.43 -6.39
N LYS A 138 -24.37 -19.81 -6.56
CA LYS A 138 -24.01 -21.21 -6.38
C LYS A 138 -23.64 -21.56 -4.92
N LEU A 139 -23.50 -20.56 -4.05
CA LEU A 139 -23.07 -20.84 -2.68
C LEU A 139 -24.12 -21.54 -1.81
N PRO A 140 -23.67 -22.21 -0.73
CA PRO A 140 -24.66 -22.73 0.18
C PRO A 140 -25.40 -21.56 0.82
N PRO A 141 -26.71 -21.68 1.03
CA PRO A 141 -27.44 -20.48 1.49
C PRO A 141 -26.85 -19.76 2.73
N PRO A 142 -26.31 -20.50 3.71
CA PRO A 142 -25.69 -19.74 4.79
C PRO A 142 -24.56 -18.83 4.37
N ASN A 143 -23.79 -19.20 3.35
CA ASN A 143 -22.65 -18.36 2.92
C ASN A 143 -23.14 -17.16 2.11
N ARG A 144 -24.03 -17.40 1.17
CA ARG A 144 -24.68 -16.34 0.42
C ARG A 144 -25.45 -15.36 1.32
N ASP A 145 -26.33 -15.87 2.20
CA ASP A 145 -27.14 -15.00 3.02
C ASP A 145 -26.33 -14.21 4.04
N THR A 146 -25.31 -14.83 4.60
CA THR A 146 -24.38 -14.14 5.52
C THR A 146 -23.53 -13.05 4.79
N MET A 147 -23.08 -13.36 3.57
CA MET A 147 -22.44 -12.34 2.73
C MET A 147 -23.34 -11.17 2.46
N LYS A 148 -24.59 -11.45 2.09
CA LYS A 148 -25.53 -10.36 1.82
C LYS A 148 -25.72 -9.44 3.02
N VAL A 149 -25.98 -10.05 4.17
CA VAL A 149 -26.17 -9.29 5.41
C VAL A 149 -24.89 -8.48 5.77
N LEU A 150 -23.72 -9.11 5.73
CA LEU A 150 -22.48 -8.42 6.10
C LEU A 150 -22.13 -7.31 5.09
N PHE A 151 -22.07 -7.62 3.80
CA PHE A 151 -21.76 -6.59 2.81
C PHE A 151 -22.81 -5.47 2.75
N GLY A 152 -24.08 -5.82 2.94
CA GLY A 152 -25.15 -4.82 2.98
C GLY A 152 -24.90 -3.83 4.12
N HIS A 153 -24.53 -4.37 5.28
CA HIS A 153 -24.11 -3.57 6.43
C HIS A 153 -22.92 -2.66 6.11
N LEU A 154 -21.93 -3.25 5.44
CA LEU A 154 -20.70 -2.52 5.16
C LEU A 154 -20.93 -1.39 4.19
N THR A 155 -21.92 -1.50 3.30
CA THR A 155 -22.24 -0.36 2.42
C THR A 155 -22.65 0.87 3.25
N LYS A 156 -23.25 0.64 4.41
CA LYS A 156 -23.63 1.74 5.29
C LYS A 156 -22.41 2.39 5.99
N ILE A 157 -21.33 1.64 6.15
CA ILE A 157 -20.08 2.16 6.67
C ILE A 157 -19.49 3.09 5.63
N VAL A 158 -19.53 2.64 4.39
CA VAL A 158 -18.95 3.41 3.28
C VAL A 158 -19.71 4.73 3.09
N ALA A 159 -21.03 4.66 3.12
CA ALA A 159 -21.88 5.83 2.99
C ALA A 159 -21.59 6.92 4.02
N LYS A 160 -21.09 6.54 5.21
CA LYS A 160 -20.75 7.46 6.29
C LYS A 160 -19.23 7.73 6.38
N ALA A 161 -18.51 7.46 5.29
CA ALA A 161 -17.07 7.66 5.22
C ALA A 161 -16.57 9.02 5.70
N SER A 162 -17.36 10.08 5.44
CA SER A 162 -17.06 11.41 5.97
C SER A 162 -16.92 11.45 7.50
N LYS A 163 -17.68 10.60 8.18
CA LYS A 163 -17.71 10.58 9.65
C LYS A 163 -16.81 9.50 10.24
N ASN A 164 -16.75 8.34 9.58
CA ASN A 164 -15.95 7.21 10.07
C ASN A 164 -14.54 7.03 9.45
N LEU A 165 -14.29 7.74 8.36
CA LEU A 165 -12.97 7.80 7.71
C LEU A 165 -12.55 6.46 7.12
N MET A 166 -13.52 5.59 6.86
CA MET A 166 -13.27 4.33 6.19
C MET A 166 -13.62 4.47 4.72
N SER A 167 -13.15 3.54 3.92
CA SER A 167 -13.44 3.55 2.51
C SER A 167 -13.66 2.10 2.06
N THR A 168 -14.09 1.93 0.82
CA THR A 168 -14.16 0.59 0.22
C THR A 168 -12.79 -0.11 0.28
N GLN A 169 -11.70 0.63 0.03
CA GLN A 169 -10.37 0.07 -0.01
C GLN A 169 -9.89 -0.37 1.40
N SER A 170 -10.11 0.45 2.42
CA SER A 170 -9.67 0.11 3.78
C SER A 170 -10.53 -0.98 4.42
N LEU A 171 -11.82 -1.03 4.07
CA LEU A 171 -12.67 -2.18 4.48
C LEU A 171 -12.25 -3.45 3.73
N GLY A 172 -11.87 -3.34 2.45
CA GLY A 172 -11.36 -4.51 1.73
C GLY A 172 -10.08 -5.06 2.32
N ILE A 173 -9.23 -4.19 2.84
CA ILE A 173 -8.00 -4.57 3.55
C ILE A 173 -8.31 -5.37 4.81
N VAL A 174 -9.37 -4.98 5.51
CA VAL A 174 -9.82 -5.65 6.73
C VAL A 174 -10.50 -6.97 6.39
N PHE A 175 -11.46 -6.92 5.47
CA PHE A 175 -12.36 -8.06 5.25
C PHE A 175 -11.89 -9.08 4.23
N GLY A 176 -10.91 -8.70 3.42
CA GLY A 176 -10.31 -9.61 2.46
C GLY A 176 -9.76 -10.84 3.13
N PRO A 177 -8.76 -10.65 3.99
CA PRO A 177 -8.20 -11.74 4.77
C PRO A 177 -9.21 -12.42 5.72
N THR A 178 -10.13 -11.64 6.28
CA THR A 178 -11.11 -12.13 7.25
C THR A 178 -12.11 -13.11 6.62
N LEU A 179 -12.51 -12.85 5.37
CA LEU A 179 -13.61 -13.56 4.73
C LEU A 179 -13.15 -14.58 3.68
N LEU A 180 -11.97 -14.38 3.11
CA LEU A 180 -11.44 -15.26 2.07
C LEU A 180 -10.19 -16.06 2.54
N ARG A 181 -9.41 -15.49 3.45
CA ARG A 181 -8.32 -16.27 4.08
C ARG A 181 -7.41 -16.97 3.04
N ALA A 182 -7.09 -16.23 1.97
CA ALA A 182 -6.43 -16.80 0.80
C ALA A 182 -4.91 -16.65 0.80
N GLU A 183 -4.37 -16.01 1.83
CA GLU A 183 -2.92 -15.65 1.92
C GLU A 183 -2.06 -16.84 1.61
N ASN A 184 -2.38 -17.95 2.31
CA ASN A 184 -1.54 -19.16 2.32
C ASN A 184 -1.91 -20.21 1.27
N GLU A 185 -3.03 -20.06 0.55
CA GLU A 185 -3.33 -20.98 -0.56
C GLU A 185 -2.07 -21.08 -1.48
N THR A 186 -1.80 -22.25 -2.04
CA THR A 186 -0.54 -22.45 -2.76
C THR A 186 -0.47 -21.44 -3.92
N GLY A 187 0.70 -20.83 -4.08
CA GLY A 187 0.88 -19.77 -5.06
C GLY A 187 1.55 -18.59 -4.40
N ASN A 188 1.36 -17.41 -4.99
CA ASN A 188 2.03 -16.17 -4.56
C ASN A 188 1.16 -15.38 -3.57
N MET A 189 1.77 -14.95 -2.47
CA MET A 189 1.04 -14.42 -1.32
C MET A 189 0.62 -12.99 -1.50
N ALA A 190 1.57 -12.18 -1.93
CA ALA A 190 1.30 -10.83 -2.39
C ALA A 190 0.12 -10.83 -3.36
N ILE A 191 0.20 -11.70 -4.37
CA ILE A 191 -0.88 -11.83 -5.35
C ILE A 191 -2.19 -12.27 -4.71
N HIS A 192 -2.17 -13.29 -3.86
CA HIS A 192 -3.41 -13.77 -3.22
C HIS A 192 -4.06 -12.68 -2.33
N MET A 193 -3.22 -11.86 -1.71
CA MET A 193 -3.70 -10.75 -0.90
C MET A 193 -4.43 -9.69 -1.75
N VAL A 194 -3.89 -9.37 -2.92
CA VAL A 194 -4.61 -8.47 -3.84
C VAL A 194 -5.91 -9.10 -4.31
N TYR A 195 -5.89 -10.38 -4.64
CA TYR A 195 -7.07 -11.07 -5.14
C TYR A 195 -8.23 -10.94 -4.16
N GLN A 196 -7.97 -11.25 -2.91
CA GLN A 196 -9.03 -11.27 -1.95
C GLN A 196 -9.55 -9.88 -1.58
N ASN A 197 -8.66 -8.89 -1.48
CA ASN A 197 -9.08 -7.52 -1.24
C ASN A 197 -9.90 -6.95 -2.42
N GLN A 198 -9.52 -7.30 -3.63
CA GLN A 198 -10.27 -6.87 -4.79
C GLN A 198 -11.64 -7.50 -4.83
N ILE A 199 -11.75 -8.78 -4.44
CA ILE A 199 -13.05 -9.45 -4.41
C ILE A 199 -13.93 -8.80 -3.35
N ALA A 200 -13.35 -8.55 -2.17
CA ALA A 200 -14.14 -7.89 -1.12
C ALA A 200 -14.58 -6.49 -1.54
N GLU A 201 -13.69 -5.71 -2.15
CA GLU A 201 -14.04 -4.39 -2.66
C GLU A 201 -15.21 -4.43 -3.67
N LEU A 202 -15.19 -5.41 -4.58
CA LEU A 202 -16.27 -5.50 -5.58
C LEU A 202 -17.60 -5.87 -4.94
N MET A 203 -17.57 -6.79 -3.97
CA MET A 203 -18.79 -7.20 -3.30
C MET A 203 -19.41 -6.03 -2.53
N LEU A 204 -18.54 -5.15 -2.06
CA LEU A 204 -18.97 -3.95 -1.35
C LEU A 204 -19.46 -2.85 -2.31
N SER A 205 -18.60 -2.48 -3.25
CA SER A 205 -18.92 -1.35 -4.13
C SER A 205 -20.06 -1.66 -5.14
N GLU A 206 -20.27 -2.93 -5.45
CA GLU A 206 -21.33 -3.31 -6.39
C GLU A 206 -22.36 -4.20 -5.72
N TYR A 207 -22.52 -3.99 -4.42
CA TYR A 207 -23.48 -4.73 -3.60
C TYR A 207 -24.85 -4.87 -4.26
N SER A 208 -25.41 -3.73 -4.68
CA SER A 208 -26.78 -3.69 -5.19
C SER A 208 -26.93 -4.55 -6.40
N LYS A 209 -26.00 -4.48 -7.34
CA LYS A 209 -26.11 -5.31 -8.55
C LYS A 209 -25.78 -6.77 -8.26
N ILE A 210 -24.95 -7.05 -7.26
CA ILE A 210 -24.56 -8.44 -6.99
C ILE A 210 -25.65 -9.13 -6.17
N PHE A 211 -26.16 -8.45 -5.16
CA PHE A 211 -27.10 -9.02 -4.20
C PHE A 211 -28.54 -8.53 -4.37
N GLY A 212 -28.77 -7.56 -5.24
CA GLY A 212 -30.12 -6.97 -5.44
C GLY A 212 -30.43 -5.86 -4.45
N MET B 2 25.96 17.54 -36.11
CA MET B 2 26.45 18.95 -36.11
C MET B 2 25.29 19.92 -35.95
N ARG B 3 24.38 19.58 -35.03
CA ARG B 3 23.16 20.37 -34.77
C ARG B 3 23.41 21.58 -33.87
N PRO B 4 22.41 22.50 -33.77
CA PRO B 4 22.46 23.57 -32.77
C PRO B 4 22.07 23.06 -31.38
N SER B 5 22.30 23.91 -30.37
CA SER B 5 21.98 23.58 -28.98
C SER B 5 20.65 24.16 -28.55
N LEU B 6 20.21 23.79 -27.35
CA LEU B 6 19.02 24.36 -26.77
C LEU B 6 19.25 25.85 -26.41
N LYS B 7 20.49 26.19 -26.08
CA LYS B 7 20.91 27.60 -25.91
C LYS B 7 20.64 28.33 -27.22
N THR B 8 21.46 28.01 -28.22
CA THR B 8 21.32 28.52 -29.59
C THR B 8 19.88 28.62 -30.09
N LEU B 9 19.12 27.53 -29.97
CA LEU B 9 17.77 27.45 -30.53
C LEU B 9 16.78 28.39 -29.85
N GLN B 10 16.94 28.61 -28.54
CA GLN B 10 16.05 29.52 -27.80
C GLN B 10 16.40 30.99 -28.09
N GLU B 11 17.69 31.30 -28.07
CA GLU B 11 18.19 32.64 -28.41
C GLU B 11 17.64 33.10 -29.77
N LYS B 12 17.85 32.30 -30.82
CA LYS B 12 17.34 32.63 -32.16
C LYS B 12 15.79 32.60 -32.23
N GLY B 13 15.13 32.19 -31.15
CA GLY B 13 13.67 32.25 -31.05
C GLY B 13 12.99 31.03 -31.63
N LEU B 14 13.79 30.11 -32.19
CA LEU B 14 13.26 28.95 -32.93
C LEU B 14 12.49 27.97 -32.03
N ILE B 15 12.89 27.84 -30.76
CA ILE B 15 12.12 27.08 -29.76
C ILE B 15 11.78 27.93 -28.54
N LYS B 16 10.49 27.98 -28.16
CA LYS B 16 10.07 28.71 -26.98
C LYS B 16 9.41 27.76 -25.97
N ASP B 17 9.80 27.91 -24.70
CA ASP B 17 9.32 27.06 -23.61
C ASP B 17 8.33 27.78 -22.70
N GLN B 18 7.28 28.34 -23.28
CA GLN B 18 6.45 29.28 -22.56
C GLN B 18 5.41 28.66 -21.64
N ILE B 19 4.78 27.55 -22.04
CA ILE B 19 3.60 27.06 -21.34
C ILE B 19 3.92 26.08 -20.23
N PHE B 20 4.70 25.05 -20.53
CA PHE B 20 5.23 24.11 -19.52
C PHE B 20 6.50 24.67 -18.89
N GLY B 21 6.70 24.46 -17.59
CA GLY B 21 7.89 24.94 -16.89
C GLY B 21 7.87 26.39 -16.43
N SER B 22 6.78 27.11 -16.69
CA SER B 22 6.58 28.46 -16.18
C SER B 22 5.79 28.47 -14.89
N HIS B 23 6.03 29.47 -14.04
CA HIS B 23 5.26 29.67 -12.80
CA HIS B 23 5.23 29.57 -12.79
C HIS B 23 3.77 29.81 -13.09
N LEU B 24 2.93 29.19 -12.28
CA LEU B 24 1.50 29.27 -12.45
C LEU B 24 1.08 30.72 -12.56
N HIS B 25 1.67 31.58 -11.75
CA HIS B 25 1.24 32.99 -11.69
C HIS B 25 1.61 33.77 -12.94
N LYS B 26 2.75 33.43 -13.55
CA LYS B 26 3.19 34.05 -14.80
C LYS B 26 2.28 33.62 -15.94
N VAL B 27 2.06 32.32 -16.03
CA VAL B 27 1.13 31.74 -17.01
C VAL B 27 -0.22 32.40 -16.93
N CYS B 28 -0.75 32.45 -15.72
CA CYS B 28 -2.08 33.01 -15.48
C CYS B 28 -2.14 34.50 -15.72
N GLU B 29 -1.11 35.20 -15.31
CA GLU B 29 -1.02 36.64 -15.53
C GLU B 29 -1.01 36.93 -17.05
N ARG B 30 -0.19 36.23 -17.84
CA ARG B 30 -0.19 36.40 -19.31
C ARG B 30 -1.57 36.23 -19.96
N GLU B 31 -2.33 35.28 -19.44
CA GLU B 31 -3.62 34.87 -20.00
C GLU B 31 -4.84 35.60 -19.42
N ASN B 32 -4.62 36.53 -18.49
CA ASN B 32 -5.73 37.19 -17.83
C ASN B 32 -6.75 36.25 -17.15
N SER B 33 -6.28 35.13 -16.63
CA SER B 33 -7.15 34.13 -16.04
C SER B 33 -6.48 33.67 -14.78
N THR B 34 -7.26 33.08 -13.87
CA THR B 34 -6.71 32.41 -12.67
C THR B 34 -6.53 30.87 -12.81
N VAL B 35 -6.86 30.35 -14.00
CA VAL B 35 -6.63 28.96 -14.38
C VAL B 35 -5.98 28.92 -15.77
N PRO B 36 -4.86 28.20 -15.93
CA PRO B 36 -4.30 28.09 -17.26
C PRO B 36 -5.24 27.45 -18.27
N TRP B 37 -5.26 28.06 -19.45
CA TRP B 37 -5.98 27.59 -20.62
C TRP B 37 -5.68 26.12 -20.94
N PHE B 38 -4.42 25.71 -20.84
CA PHE B 38 -4.07 24.30 -21.07
C PHE B 38 -4.77 23.35 -20.12
N VAL B 39 -4.85 23.75 -18.85
CA VAL B 39 -5.55 22.94 -17.83
C VAL B 39 -7.01 22.78 -18.19
N LYS B 40 -7.64 23.87 -18.61
CA LYS B 40 -9.06 23.85 -18.92
C LYS B 40 -9.34 22.99 -20.16
N GLN B 41 -8.43 23.03 -21.13
CA GLN B 41 -8.58 22.27 -22.37
C GLN B 41 -8.49 20.80 -22.04
N CYS B 42 -7.53 20.38 -21.23
CA CYS B 42 -7.38 18.96 -20.89
C CYS B 42 -8.60 18.48 -20.13
N ILE B 43 -8.99 19.23 -19.11
CA ILE B 43 -10.22 18.95 -18.35
C ILE B 43 -11.46 18.76 -19.28
N GLU B 44 -11.59 19.64 -20.26
CA GLU B 44 -12.74 19.60 -21.16
C GLU B 44 -12.74 18.31 -22.02
N ALA B 45 -11.56 17.92 -22.51
CA ALA B 45 -11.42 16.65 -23.25
C ALA B 45 -11.73 15.46 -22.38
N VAL B 46 -11.26 15.46 -21.13
CA VAL B 46 -11.48 14.30 -20.27
C VAL B 46 -12.95 14.15 -19.91
N GLU B 47 -13.60 15.27 -19.66
CA GLU B 47 -15.02 15.29 -19.37
C GLU B 47 -15.85 14.88 -20.59
N LYS B 48 -15.35 15.24 -21.77
CA LYS B 48 -16.06 14.92 -23.01
C LYS B 48 -15.92 13.43 -23.34
N ARG B 49 -14.74 12.84 -23.16
CA ARG B 49 -14.51 11.46 -23.62
C ARG B 49 -13.64 10.57 -22.73
N GLY B 50 -13.49 10.93 -21.46
CA GLY B 50 -12.65 10.15 -20.54
C GLY B 50 -13.27 9.68 -19.24
N LEU B 51 -14.49 10.08 -18.95
CA LEU B 51 -15.03 9.82 -17.61
C LEU B 51 -15.35 8.33 -17.38
N ASP B 52 -15.62 7.59 -18.44
CA ASP B 52 -15.96 6.18 -18.34
C ASP B 52 -14.79 5.23 -18.65
N VAL B 53 -13.61 5.80 -18.85
CA VAL B 53 -12.41 5.06 -19.29
C VAL B 53 -11.72 4.47 -18.09
N ASP B 54 -11.47 3.16 -18.14
CA ASP B 54 -10.84 2.39 -17.06
C ASP B 54 -9.49 3.00 -16.73
N GLY B 55 -9.27 3.31 -15.46
CA GLY B 55 -7.94 3.72 -14.98
C GLY B 55 -7.54 5.14 -15.38
N ILE B 56 -8.53 5.94 -15.74
CA ILE B 56 -8.34 7.35 -16.14
C ILE B 56 -7.59 8.09 -15.03
N TYR B 57 -6.46 8.65 -15.42
CA TYR B 57 -5.45 9.33 -14.55
C TYR B 57 -4.39 8.42 -13.96
N ARG B 58 -4.67 7.13 -13.84
CA ARG B 58 -3.69 6.14 -13.39
C ARG B 58 -2.96 5.53 -14.59
N VAL B 59 -3.69 5.21 -15.65
CA VAL B 59 -3.09 4.70 -16.89
C VAL B 59 -2.25 5.81 -17.53
N SER B 60 -1.15 5.39 -18.11
CA SER B 60 -0.17 6.24 -18.77
C SER B 60 -0.41 6.21 -20.24
N GLY B 61 -0.47 7.39 -20.83
CA GLY B 61 -0.49 7.53 -22.29
C GLY B 61 0.92 7.37 -22.83
N ASN B 62 1.00 7.17 -24.13
CA ASN B 62 2.28 7.09 -24.83
C ASN B 62 3.08 8.34 -24.55
N LEU B 63 4.24 8.19 -23.89
CA LEU B 63 5.05 9.31 -23.46
C LEU B 63 5.62 10.11 -24.63
N ALA B 64 6.00 9.43 -25.70
CA ALA B 64 6.39 10.06 -26.94
C ALA B 64 5.31 11.02 -27.44
N THR B 65 4.05 10.59 -27.40
CA THR B 65 2.92 11.40 -27.86
C THR B 65 2.64 12.55 -26.90
N ILE B 66 2.76 12.30 -25.60
CA ILE B 66 2.69 13.35 -24.58
C ILE B 66 3.79 14.41 -24.78
N GLN B 67 5.01 13.97 -25.06
CA GLN B 67 6.13 14.88 -25.33
C GLN B 67 5.91 15.78 -26.57
N LYS B 68 5.27 15.27 -27.63
CA LYS B 68 4.92 16.11 -28.75
C LYS B 68 3.70 17.03 -28.47
N LEU B 69 2.74 16.58 -27.65
CA LEU B 69 1.66 17.44 -27.18
C LEU B 69 2.25 18.65 -26.43
N ARG B 70 3.16 18.35 -25.50
CA ARG B 70 3.87 19.37 -24.75
C ARG B 70 4.62 20.35 -25.62
N PHE B 71 5.22 19.84 -26.68
CA PHE B 71 6.03 20.64 -27.58
C PHE B 71 5.19 21.61 -28.44
N ILE B 72 4.07 21.11 -28.99
CA ILE B 72 3.06 21.92 -29.66
C ILE B 72 2.52 23.03 -28.76
N VAL B 73 2.20 22.69 -27.51
CA VAL B 73 1.70 23.69 -26.54
C VAL B 73 2.78 24.76 -26.30
N ASN B 74 3.99 24.31 -26.00
CA ASN B 74 5.10 25.22 -25.77
C ASN B 74 5.37 26.13 -26.94
N GLN B 75 5.21 25.61 -28.16
CA GLN B 75 5.30 26.42 -29.39
C GLN B 75 4.09 27.33 -29.59
N GLU B 76 3.20 27.41 -28.59
CA GLU B 76 1.91 28.14 -28.63
C GLU B 76 1.29 28.01 -30.00
N GLU B 77 1.21 26.76 -30.49
CA GLU B 77 0.38 26.45 -31.64
C GLU B 77 -1.06 26.21 -31.15
N LYS B 78 -1.99 26.32 -32.10
CA LYS B 78 -3.40 26.02 -31.84
C LYS B 78 -3.51 24.55 -31.48
N LEU B 79 -3.97 24.25 -30.27
CA LEU B 79 -4.23 22.88 -29.89
C LEU B 79 -5.72 22.59 -30.09
N ASN B 80 -6.02 21.45 -30.70
CA ASN B 80 -7.37 20.95 -30.79
C ASN B 80 -7.37 19.47 -30.41
N LEU B 81 -7.86 19.19 -29.21
CA LEU B 81 -7.77 17.86 -28.63
C LEU B 81 -8.78 16.86 -29.24
N ASP B 82 -9.61 17.34 -30.16
CA ASP B 82 -10.47 16.47 -30.98
C ASP B 82 -9.74 15.91 -32.21
N ASP B 83 -8.52 16.39 -32.46
CA ASP B 83 -7.68 15.85 -33.55
C ASP B 83 -7.28 14.40 -33.23
N SER B 84 -7.24 13.57 -34.27
CA SER B 84 -7.06 12.11 -34.12
C SER B 84 -5.73 11.77 -33.42
N GLN B 85 -4.75 12.65 -33.59
CA GLN B 85 -3.45 12.61 -32.93
C GLN B 85 -3.57 12.44 -31.42
N TRP B 86 -4.63 13.03 -30.86
CA TRP B 86 -4.87 13.01 -29.42
C TRP B 86 -6.01 12.06 -29.00
N GLU B 87 -6.32 11.07 -29.82
CA GLU B 87 -7.48 10.19 -29.60
C GLU B 87 -7.38 9.33 -28.33
N ASP B 88 -6.16 9.02 -27.89
CA ASP B 88 -5.97 8.31 -26.66
C ASP B 88 -6.06 9.35 -25.54
N ILE B 89 -7.14 9.29 -24.74
CA ILE B 89 -7.37 10.25 -23.68
C ILE B 89 -6.32 10.17 -22.57
N HIS B 90 -5.58 9.07 -22.52
CA HIS B 90 -4.49 8.87 -21.56
C HIS B 90 -3.26 9.74 -21.90
N VAL B 91 -3.13 10.14 -23.16
CA VAL B 91 -2.15 11.14 -23.59
C VAL B 91 -2.51 12.53 -22.98
N VAL B 92 -3.81 12.84 -22.94
CA VAL B 92 -4.30 14.10 -22.41
C VAL B 92 -4.18 14.17 -20.89
N THR B 93 -4.52 13.10 -20.20
CA THR B 93 -4.30 13.02 -18.75
C THR B 93 -2.83 13.04 -18.37
N GLY B 94 -2.00 12.31 -19.11
CA GLY B 94 -0.55 12.35 -18.94
C GLY B 94 0.07 13.72 -19.15
N ALA B 95 -0.45 14.46 -20.12
CA ALA B 95 0.02 15.82 -20.41
C ALA B 95 -0.38 16.80 -19.33
N LEU B 96 -1.58 16.62 -18.81
CA LEU B 96 -2.07 17.44 -17.68
C LEU B 96 -1.25 17.21 -16.44
N LYS B 97 -0.96 15.94 -16.12
CA LYS B 97 -0.12 15.64 -14.98
C LYS B 97 1.26 16.22 -15.14
N MET B 98 1.83 16.07 -16.33
CA MET B 98 3.17 16.56 -16.63
C MET B 98 3.28 18.07 -16.41
N PHE B 99 2.28 18.79 -16.90
CA PHE B 99 2.13 20.21 -16.67
C PHE B 99 2.26 20.54 -15.20
N PHE B 100 1.51 19.87 -14.33
CA PHE B 100 1.58 20.14 -12.90
C PHE B 100 2.95 19.73 -12.32
N ARG B 101 3.52 18.62 -12.80
CA ARG B 101 4.84 18.16 -12.37
C ARG B 101 5.97 19.09 -12.80
N GLU B 102 5.78 19.79 -13.92
CA GLU B 102 6.80 20.69 -14.46
C GLU B 102 6.72 22.16 -13.96
N LEU B 103 5.65 22.50 -13.26
CA LEU B 103 5.56 23.82 -12.62
C LEU B 103 6.79 23.96 -11.71
N PRO B 104 7.46 25.12 -11.73
CA PRO B 104 8.66 25.29 -10.87
C PRO B 104 8.39 25.17 -9.36
N GLU B 105 7.15 25.50 -8.97
CA GLU B 105 6.64 25.33 -7.63
C GLU B 105 5.39 24.51 -7.80
N PRO B 106 5.11 23.57 -6.86
CA PRO B 106 3.90 22.78 -6.93
C PRO B 106 2.63 23.62 -6.73
N LEU B 107 1.51 23.10 -7.21
CA LEU B 107 0.22 23.76 -7.10
C LEU B 107 -0.11 24.12 -5.66
N PHE B 108 0.21 23.23 -4.73
CA PHE B 108 0.17 23.53 -3.30
C PHE B 108 1.51 24.13 -2.94
N PRO B 109 1.55 25.44 -2.64
CA PRO B 109 2.86 26.06 -2.38
C PRO B 109 3.54 25.44 -1.18
N TYR B 110 4.86 25.37 -1.23
CA TYR B 110 5.62 24.82 -0.11
C TYR B 110 5.44 25.62 1.17
N SER B 111 5.20 26.92 1.06
CA SER B 111 4.91 27.74 2.25
C SER B 111 3.62 27.34 2.97
N PHE B 112 2.70 26.67 2.29
CA PHE B 112 1.46 26.18 2.88
C PHE B 112 1.52 24.74 3.40
N PHE B 113 2.55 23.97 3.01
CA PHE B 113 2.61 22.53 3.37
C PHE B 113 2.53 22.19 4.86
N GLU B 114 3.31 22.88 5.70
CA GLU B 114 3.28 22.64 7.17
C GLU B 114 1.86 22.79 7.71
N GLN B 115 1.13 23.73 7.14
CA GLN B 115 -0.19 24.10 7.60
C GLN B 115 -1.27 23.11 7.12
N PHE B 116 -1.20 22.70 5.84
CA PHE B 116 -2.03 21.62 5.31
C PHE B 116 -1.84 20.29 6.08
N VAL B 117 -0.59 19.94 6.40
CA VAL B 117 -0.34 18.79 7.28
C VAL B 117 -0.95 19.02 8.67
N GLU B 118 -0.57 20.12 9.34
CA GLU B 118 -1.27 20.54 10.53
C GLU B 118 -2.78 20.38 10.41
N ALA B 119 -3.35 20.88 9.32
CA ALA B 119 -4.79 20.75 9.08
C ALA B 119 -5.26 19.30 9.11
N ILE B 120 -4.67 18.40 8.31
CA ILE B 120 -5.24 17.03 8.21
C ILE B 120 -4.91 16.24 9.47
N LYS B 121 -3.84 16.63 10.16
CA LYS B 121 -3.48 16.04 11.45
C LYS B 121 -4.47 16.38 12.54
N LYS B 122 -5.44 17.27 12.26
CA LYS B 122 -6.46 17.59 13.27
C LYS B 122 -7.15 16.31 13.64
N GLN B 123 -7.91 16.39 14.72
CA GLN B 123 -8.27 15.24 15.54
C GLN B 123 -9.60 14.65 15.09
N ASP B 124 -10.54 15.52 14.66
CA ASP B 124 -11.72 15.08 13.92
C ASP B 124 -11.83 15.70 12.52
N ASN B 125 -12.54 15.02 11.61
CA ASN B 125 -12.72 15.43 10.21
C ASN B 125 -13.44 16.78 9.98
N ASN B 126 -14.19 17.28 10.96
CA ASN B 126 -14.83 18.61 10.78
C ASN B 126 -13.87 19.80 10.94
N THR B 127 -13.02 19.73 11.96
CA THR B 127 -11.97 20.68 12.16
C THR B 127 -10.99 20.63 10.97
N ARG B 128 -10.76 19.43 10.45
CA ARG B 128 -9.93 19.23 9.26
C ARG B 128 -10.46 19.98 8.07
N ILE B 129 -11.77 19.82 7.82
CA ILE B 129 -12.40 20.44 6.67
C ILE B 129 -12.30 21.97 6.75
N GLU B 130 -12.61 22.54 7.92
CA GLU B 130 -12.55 23.99 8.07
C GLU B 130 -11.13 24.54 8.03
N ALA B 131 -10.17 23.81 8.61
CA ALA B 131 -8.81 24.25 8.63
C ALA B 131 -8.24 24.28 7.20
N VAL B 132 -8.70 23.37 6.34
CA VAL B 132 -8.27 23.33 4.94
C VAL B 132 -8.95 24.40 4.12
N LYS B 133 -10.24 24.55 4.33
CA LYS B 133 -11.00 25.65 3.79
C LYS B 133 -10.36 27.04 4.13
N SER B 134 -9.97 27.24 5.40
CA SER B 134 -9.24 28.46 5.76
C SER B 134 -7.99 28.68 4.95
N LEU B 135 -7.15 27.64 4.88
CA LEU B 135 -5.93 27.71 4.13
C LEU B 135 -6.16 27.98 2.64
N VAL B 136 -7.18 27.33 2.08
CA VAL B 136 -7.50 27.51 0.66
C VAL B 136 -7.89 28.96 0.42
N GLN B 137 -8.59 29.54 1.40
CA GLN B 137 -8.96 30.95 1.35
C GLN B 137 -7.77 31.92 1.37
N LYS B 138 -6.61 31.48 1.88
CA LYS B 138 -5.38 32.27 1.91
C LYS B 138 -4.50 32.09 0.68
N LEU B 139 -4.85 31.14 -0.19
CA LEU B 139 -4.05 30.87 -1.39
C LEU B 139 -4.05 32.02 -2.38
N PRO B 140 -2.97 32.17 -3.19
CA PRO B 140 -3.12 33.08 -4.33
C PRO B 140 -4.23 32.53 -5.20
N PRO B 141 -5.00 33.41 -5.85
CA PRO B 141 -6.14 32.96 -6.65
C PRO B 141 -5.80 31.97 -7.76
N PRO B 142 -4.64 32.11 -8.43
CA PRO B 142 -4.29 31.04 -9.35
C PRO B 142 -4.32 29.65 -8.73
N ASN B 143 -3.75 29.52 -7.52
CA ASN B 143 -3.62 28.23 -6.90
C ASN B 143 -5.00 27.77 -6.47
N ARG B 144 -5.75 28.64 -5.79
CA ARG B 144 -7.09 28.31 -5.38
C ARG B 144 -7.96 27.93 -6.57
N ASP B 145 -8.00 28.78 -7.58
CA ASP B 145 -8.94 28.56 -8.70
C ASP B 145 -8.57 27.36 -9.49
N THR B 146 -7.26 27.10 -9.61
CA THR B 146 -6.80 25.92 -10.33
C THR B 146 -7.06 24.65 -9.53
N MET B 147 -6.86 24.73 -8.22
CA MET B 147 -7.27 23.65 -7.35
C MET B 147 -8.77 23.40 -7.46
N LYS B 148 -9.58 24.47 -7.44
CA LYS B 148 -11.02 24.32 -7.53
C LYS B 148 -11.45 23.65 -8.83
N VAL B 149 -10.94 24.12 -9.96
CA VAL B 149 -11.24 23.52 -11.25
C VAL B 149 -10.78 22.07 -11.32
N LEU B 150 -9.56 21.77 -10.91
CA LEU B 150 -9.06 20.40 -10.98
C LEU B 150 -9.82 19.44 -10.08
N PHE B 151 -9.87 19.74 -8.80
CA PHE B 151 -10.59 18.89 -7.85
C PHE B 151 -12.07 18.74 -8.14
N GLY B 152 -12.71 19.79 -8.65
CA GLY B 152 -14.08 19.72 -9.09
C GLY B 152 -14.24 18.72 -10.23
N HIS B 153 -13.34 18.79 -11.20
CA HIS B 153 -13.28 17.85 -12.29
C HIS B 153 -13.06 16.42 -11.78
N LEU B 154 -12.17 16.26 -10.80
CA LEU B 154 -11.88 14.93 -10.22
C LEU B 154 -13.06 14.32 -9.43
N THR B 155 -13.94 15.15 -8.87
CA THR B 155 -15.14 14.64 -8.24
C THR B 155 -16.08 13.97 -9.28
N LYS B 156 -16.02 14.39 -10.54
CA LYS B 156 -16.78 13.71 -11.59
C LYS B 156 -16.15 12.37 -11.97
N ILE B 157 -14.84 12.22 -11.81
CA ILE B 157 -14.20 10.93 -12.02
C ILE B 157 -14.68 9.96 -10.93
N VAL B 158 -14.71 10.41 -9.68
CA VAL B 158 -15.12 9.55 -8.56
C VAL B 158 -16.59 9.14 -8.69
N ALA B 159 -17.44 10.08 -9.10
CA ALA B 159 -18.85 9.79 -9.34
C ALA B 159 -19.07 8.67 -10.41
N LYS B 160 -18.12 8.53 -11.33
CA LYS B 160 -18.19 7.51 -12.38
C LYS B 160 -17.32 6.27 -12.09
N ALA B 161 -16.92 6.11 -10.82
CA ALA B 161 -16.07 5.00 -10.37
C ALA B 161 -16.51 3.61 -10.87
N SER B 162 -17.83 3.39 -10.93
CA SER B 162 -18.34 2.11 -11.47
C SER B 162 -17.85 1.83 -12.90
N LYS B 163 -17.66 2.90 -13.67
CA LYS B 163 -17.29 2.80 -15.08
C LYS B 163 -15.77 2.95 -15.33
N ASN B 164 -15.13 3.84 -14.56
CA ASN B 164 -13.69 4.10 -14.70
C ASN B 164 -12.78 3.39 -13.70
N LEU B 165 -13.37 2.79 -12.66
CA LEU B 165 -12.67 1.95 -11.67
C LEU B 165 -11.66 2.72 -10.80
N MET B 166 -11.83 4.03 -10.72
CA MET B 166 -10.99 4.88 -9.88
C MET B 166 -11.71 5.18 -8.58
N SER B 167 -10.96 5.65 -7.59
CA SER B 167 -11.49 5.94 -6.29
C SER B 167 -10.80 7.16 -5.78
N THR B 168 -11.32 7.73 -4.70
CA THR B 168 -10.63 8.81 -3.99
C THR B 168 -9.20 8.44 -3.64
N GLN B 169 -9.00 7.20 -3.23
CA GLN B 169 -7.68 6.68 -2.78
CA GLN B 169 -7.70 6.74 -2.78
C GLN B 169 -6.69 6.64 -3.93
N SER B 170 -7.11 6.07 -5.05
CA SER B 170 -6.22 5.93 -6.18
C SER B 170 -5.95 7.27 -6.84
N LEU B 171 -6.93 8.18 -6.82
CA LEU B 171 -6.71 9.53 -7.32
C LEU B 171 -5.76 10.31 -6.40
N GLY B 172 -5.90 10.09 -5.10
CA GLY B 172 -4.99 10.65 -4.13
C GLY B 172 -3.56 10.16 -4.34
N ILE B 173 -3.39 8.87 -4.68
CA ILE B 173 -2.07 8.29 -4.99
C ILE B 173 -1.44 8.96 -6.22
N VAL B 174 -2.27 9.32 -7.18
CA VAL B 174 -1.78 10.01 -8.39
C VAL B 174 -1.47 11.47 -8.11
N PHE B 175 -2.42 12.16 -7.48
CA PHE B 175 -2.36 13.60 -7.39
C PHE B 175 -1.65 14.14 -6.15
N GLY B 176 -1.44 13.28 -5.16
CA GLY B 176 -0.64 13.66 -4.00
C GLY B 176 0.74 14.16 -4.42
N PRO B 177 1.58 13.26 -5.02
CA PRO B 177 2.90 13.69 -5.46
C PRO B 177 2.87 14.73 -6.56
N THR B 178 1.92 14.62 -7.48
CA THR B 178 1.80 15.58 -8.58
C THR B 178 1.54 17.03 -8.11
N LEU B 179 0.72 17.22 -7.08
CA LEU B 179 0.27 18.54 -6.70
C LEU B 179 0.97 19.11 -5.45
N LEU B 180 1.52 18.26 -4.60
CA LEU B 180 2.13 18.72 -3.37
C LEU B 180 3.62 18.47 -3.35
N ARG B 181 4.07 17.36 -3.94
CA ARG B 181 5.47 17.23 -4.32
C ARG B 181 6.30 17.34 -3.04
N ALA B 182 5.79 16.73 -1.98
CA ALA B 182 6.36 16.79 -0.61
C ALA B 182 7.39 15.70 -0.30
N GLU B 183 7.69 14.84 -1.28
CA GLU B 183 8.54 13.65 -1.05
C GLU B 183 9.94 14.01 -0.61
N ASN B 184 10.44 15.16 -1.04
CA ASN B 184 11.82 15.54 -0.75
C ASN B 184 11.99 16.59 0.37
N GLU B 185 10.88 17.22 0.78
CA GLU B 185 10.88 18.07 1.98
C GLU B 185 11.60 17.34 3.12
N THR B 186 12.38 18.07 3.90
CA THR B 186 13.17 17.45 4.97
C THR B 186 12.23 16.85 6.01
N GLY B 187 12.59 15.65 6.45
CA GLY B 187 11.76 14.83 7.34
C GLY B 187 11.75 13.41 6.82
N ASN B 188 10.74 12.64 7.23
CA ASN B 188 10.61 11.23 6.84
C ASN B 188 9.70 11.15 5.63
N MET B 189 10.10 10.36 4.64
CA MET B 189 9.50 10.39 3.32
C MET B 189 8.22 9.59 3.24
N ALA B 190 8.29 8.35 3.74
CA ALA B 190 7.12 7.51 4.00
C ALA B 190 6.03 8.37 4.66
N ILE B 191 6.43 9.22 5.60
CA ILE B 191 5.54 10.11 6.33
C ILE B 191 5.06 11.23 5.43
N HIS B 192 5.96 11.84 4.68
CA HIS B 192 5.50 12.86 3.75
C HIS B 192 4.56 12.36 2.64
N MET B 193 4.75 11.14 2.17
CA MET B 193 3.83 10.57 1.17
C MET B 193 2.39 10.32 1.65
N VAL B 194 2.23 9.83 2.86
CA VAL B 194 0.87 9.72 3.46
C VAL B 194 0.26 11.14 3.63
N TYR B 195 1.05 12.10 4.10
CA TYR B 195 0.57 13.47 4.28
C TYR B 195 -0.07 14.02 3.04
N GLN B 196 0.65 13.92 1.93
CA GLN B 196 0.18 14.52 0.71
C GLN B 196 -0.98 13.79 0.06
N ASN B 197 -0.99 12.47 0.17
CA ASN B 197 -2.15 11.70 -0.32
C ASN B 197 -3.43 11.98 0.50
N GLN B 198 -3.29 12.09 1.81
CA GLN B 198 -4.42 12.40 2.68
C GLN B 198 -4.96 13.81 2.41
N ILE B 199 -4.07 14.75 2.12
CA ILE B 199 -4.48 16.09 1.79
C ILE B 199 -5.29 16.07 0.46
N ALA B 200 -4.76 15.40 -0.55
CA ALA B 200 -5.44 15.25 -1.82
C ALA B 200 -6.78 14.54 -1.71
N GLU B 201 -6.84 13.45 -0.96
CA GLU B 201 -8.10 12.77 -0.66
C GLU B 201 -9.15 13.66 -0.05
N LEU B 202 -8.78 14.48 0.93
CA LEU B 202 -9.72 15.36 1.58
C LEU B 202 -10.25 16.46 0.67
N MET B 203 -9.36 17.03 -0.13
CA MET B 203 -9.73 18.07 -1.07
C MET B 203 -10.73 17.53 -2.07
N LEU B 204 -10.58 16.25 -2.42
CA LEU B 204 -11.47 15.57 -3.36
C LEU B 204 -12.79 15.18 -2.71
N SER B 205 -12.74 14.47 -1.59
CA SER B 205 -13.93 13.91 -0.95
C SER B 205 -14.78 14.98 -0.23
N GLU B 206 -14.20 16.12 0.14
CA GLU B 206 -14.93 17.18 0.76
C GLU B 206 -14.89 18.45 -0.08
N TYR B 207 -14.83 18.27 -1.41
CA TYR B 207 -14.72 19.36 -2.37
C TYR B 207 -15.81 20.42 -2.16
N SER B 208 -17.07 20.01 -2.02
CA SER B 208 -18.20 20.93 -1.89
C SER B 208 -18.10 21.82 -0.66
N LYS B 209 -17.70 21.23 0.45
CA LYS B 209 -17.55 21.99 1.67
C LYS B 209 -16.34 22.91 1.62
N ILE B 210 -15.26 22.46 0.97
CA ILE B 210 -14.01 23.21 0.97
C ILE B 210 -14.07 24.34 -0.05
N PHE B 211 -14.64 24.07 -1.21
CA PHE B 211 -14.66 25.06 -2.32
C PHE B 211 -16.01 25.67 -2.58
N GLY B 212 -17.06 25.22 -1.90
CA GLY B 212 -18.35 25.92 -1.83
C GLY B 212 -19.60 25.05 -1.91
N PRO C 4 8.28 28.18 -35.91
CA PRO C 4 8.51 26.95 -36.67
C PRO C 4 7.98 25.68 -35.95
N SER C 5 7.06 24.98 -36.63
CA SER C 5 6.41 23.81 -36.08
C SER C 5 7.43 22.76 -35.68
N LEU C 6 6.98 21.74 -34.95
CA LEU C 6 7.82 20.56 -34.75
C LEU C 6 8.07 19.94 -36.13
N LYS C 7 7.07 20.04 -37.01
CA LYS C 7 7.19 19.63 -38.41
C LYS C 7 8.42 20.27 -39.04
N THR C 8 8.44 21.59 -39.08
CA THR C 8 9.50 22.33 -39.77
C THR C 8 10.89 22.05 -39.17
N LEU C 9 10.95 22.02 -37.84
CA LEU C 9 12.20 21.74 -37.11
C LEU C 9 12.83 20.42 -37.48
N GLN C 10 11.99 19.42 -37.75
CA GLN C 10 12.46 18.09 -38.11
C GLN C 10 12.91 18.00 -39.59
N GLU C 11 12.09 18.51 -40.52
CA GLU C 11 12.44 18.55 -41.94
C GLU C 11 13.78 19.25 -42.17
N LYS C 12 13.94 20.42 -41.54
CA LYS C 12 15.18 21.18 -41.64
C LYS C 12 16.33 20.60 -40.80
N GLY C 13 16.12 19.43 -40.18
CA GLY C 13 17.13 18.81 -39.34
C GLY C 13 17.78 19.73 -38.31
N LEU C 14 16.96 20.43 -37.52
CA LEU C 14 17.43 21.16 -36.32
C LEU C 14 17.13 20.36 -35.04
N ILE C 15 15.99 19.66 -35.01
CA ILE C 15 15.64 18.71 -33.94
C ILE C 15 15.81 17.29 -34.48
N LYS C 16 16.54 16.44 -33.76
CA LYS C 16 16.86 15.09 -34.24
C LYS C 16 15.93 14.02 -33.69
N ASP C 17 15.63 14.07 -32.39
CA ASP C 17 14.77 13.06 -31.71
C ASP C 17 15.31 11.62 -31.78
N GLN C 18 16.61 11.49 -31.56
CA GLN C 18 17.31 10.24 -31.84
C GLN C 18 17.05 9.10 -30.81
N ILE C 19 17.17 9.42 -29.53
CA ILE C 19 17.36 8.44 -28.47
C ILE C 19 16.08 8.06 -27.73
N PHE C 20 15.40 9.07 -27.20
CA PHE C 20 14.16 8.89 -26.51
C PHE C 20 13.04 8.65 -27.53
N GLY C 21 12.19 7.68 -27.22
CA GLY C 21 11.01 7.39 -28.03
C GLY C 21 11.23 6.44 -29.20
N SER C 22 12.44 5.89 -29.37
CA SER C 22 12.73 4.86 -30.40
C SER C 22 12.79 3.46 -29.81
N HIS C 23 12.51 2.44 -30.64
CA HIS C 23 12.54 1.05 -30.19
CA HIS C 23 12.52 1.07 -30.14
C HIS C 23 13.91 0.73 -29.61
N LEU C 24 13.93 0.07 -28.46
CA LEU C 24 15.21 -0.34 -27.86
C LEU C 24 16.16 -0.95 -28.89
N HIS C 25 15.63 -1.80 -29.75
CA HIS C 25 16.42 -2.50 -30.80
C HIS C 25 17.05 -1.51 -31.79
N LYS C 26 16.34 -0.42 -32.12
CA LYS C 26 16.88 0.58 -33.04
C LYS C 26 18.01 1.38 -32.38
N VAL C 27 17.75 1.85 -31.16
CA VAL C 27 18.74 2.59 -30.39
C VAL C 27 20.03 1.76 -30.27
N CYS C 28 19.89 0.50 -29.88
CA CYS C 28 21.03 -0.41 -29.65
C CYS C 28 21.75 -0.75 -30.95
N GLU C 29 20.96 -1.05 -31.98
CA GLU C 29 21.46 -1.37 -33.33
C GLU C 29 22.34 -0.25 -33.91
N ARG C 30 21.97 1.02 -33.66
CA ARG C 30 22.78 2.16 -34.11
C ARG C 30 24.10 2.31 -33.36
N GLU C 31 24.21 1.78 -32.14
CA GLU C 31 25.43 1.88 -31.33
C GLU C 31 26.26 0.60 -31.42
N ASN C 32 25.77 -0.39 -32.16
CA ASN C 32 26.37 -1.72 -32.14
C ASN C 32 26.58 -2.19 -30.68
N SER C 33 25.53 -2.03 -29.86
CA SER C 33 25.52 -2.52 -28.47
C SER C 33 24.23 -3.27 -28.19
N THR C 34 24.12 -3.84 -26.99
CA THR C 34 22.84 -4.43 -26.51
C THR C 34 22.27 -3.62 -25.33
N VAL C 35 22.99 -2.58 -24.91
CA VAL C 35 22.55 -1.68 -23.86
C VAL C 35 22.78 -0.26 -24.30
N PRO C 36 21.72 0.58 -24.24
CA PRO C 36 21.94 1.96 -24.69
C PRO C 36 22.94 2.72 -23.83
N TRP C 37 23.82 3.43 -24.53
CA TRP C 37 24.84 4.30 -23.90
C TRP C 37 24.28 5.27 -22.86
N PHE C 38 23.12 5.83 -23.13
CA PHE C 38 22.51 6.72 -22.17
C PHE C 38 22.15 6.03 -20.86
N VAL C 39 21.64 4.81 -20.96
CA VAL C 39 21.34 3.97 -19.78
C VAL C 39 22.63 3.74 -18.97
N LYS C 40 23.71 3.40 -19.66
CA LYS C 40 24.96 3.14 -18.97
C LYS C 40 25.56 4.41 -18.35
N GLN C 41 25.39 5.54 -19.01
CA GLN C 41 25.81 6.83 -18.46
C GLN C 41 25.08 7.18 -17.17
N CYS C 42 23.77 7.03 -17.19
CA CYS C 42 22.95 7.38 -16.02
C CYS C 42 23.33 6.49 -14.84
N ILE C 43 23.43 5.19 -15.11
CA ILE C 43 23.84 4.19 -14.13
C ILE C 43 25.17 4.56 -13.49
N GLU C 44 26.13 4.95 -14.32
CA GLU C 44 27.47 5.33 -13.86
C GLU C 44 27.44 6.55 -12.93
N ALA C 45 26.68 7.59 -13.29
CA ALA C 45 26.51 8.78 -12.45
C ALA C 45 25.83 8.44 -11.10
N VAL C 46 24.84 7.53 -11.12
CA VAL C 46 24.12 7.18 -9.88
C VAL C 46 25.00 6.36 -8.95
N GLU C 47 25.76 5.44 -9.51
CA GLU C 47 26.72 4.67 -8.73
C GLU C 47 27.85 5.55 -8.18
N LYS C 48 28.24 6.56 -8.94
CA LYS C 48 29.30 7.47 -8.53
C LYS C 48 28.88 8.38 -7.38
N ARG C 49 27.66 8.93 -7.44
CA ARG C 49 27.26 9.95 -6.49
C ARG C 49 25.80 9.90 -6.00
N GLY C 50 25.15 8.76 -6.15
CA GLY C 50 23.74 8.63 -5.76
C GLY C 50 23.37 7.44 -4.87
N LEU C 51 24.29 6.56 -4.54
CA LEU C 51 23.93 5.34 -3.82
C LEU C 51 23.51 5.60 -2.36
N ASP C 52 24.04 6.68 -1.78
CA ASP C 52 23.75 7.08 -0.38
C ASP C 52 22.68 8.16 -0.26
N VAL C 53 22.08 8.56 -1.40
CA VAL C 53 21.13 9.65 -1.42
C VAL C 53 19.69 9.13 -1.08
N ASP C 54 19.07 9.80 -0.11
CA ASP C 54 17.77 9.46 0.40
C ASP C 54 16.72 9.43 -0.70
N GLY C 55 16.03 8.28 -0.82
CA GLY C 55 14.92 8.17 -1.74
C GLY C 55 15.34 8.11 -3.19
N ILE C 56 16.59 7.74 -3.43
CA ILE C 56 17.09 7.63 -4.80
C ILE C 56 16.16 6.69 -5.58
N TYR C 57 15.72 7.20 -6.74
CA TYR C 57 14.74 6.55 -7.66
C TYR C 57 13.26 6.77 -7.34
N ARG C 58 12.95 7.11 -6.10
CA ARG C 58 11.63 7.54 -5.71
C ARG C 58 11.47 9.05 -5.75
N VAL C 59 12.47 9.79 -5.28
CA VAL C 59 12.41 11.23 -5.35
C VAL C 59 12.48 11.65 -6.84
N SER C 60 11.78 12.75 -7.14
CA SER C 60 11.69 13.32 -8.47
C SER C 60 12.61 14.50 -8.57
N GLY C 61 13.42 14.54 -9.63
CA GLY C 61 14.22 15.72 -9.94
C GLY C 61 13.34 16.75 -10.62
N ASN C 62 13.87 17.96 -10.74
CA ASN C 62 13.19 19.04 -11.45
C ASN C 62 12.89 18.62 -12.91
N LEU C 63 11.59 18.56 -13.22
CA LEU C 63 11.16 18.05 -14.53
C LEU C 63 11.64 18.92 -15.66
N ALA C 64 11.69 20.22 -15.45
CA ALA C 64 12.27 21.15 -16.42
C ALA C 64 13.72 20.78 -16.77
N THR C 65 14.50 20.47 -15.75
CA THR C 65 15.91 20.08 -15.94
C THR C 65 16.02 18.73 -16.62
N ILE C 66 15.14 17.80 -16.25
CA ILE C 66 15.02 16.47 -16.88
C ILE C 66 14.72 16.57 -18.38
N GLN C 67 13.81 17.47 -18.72
CA GLN C 67 13.40 17.74 -20.09
C GLN C 67 14.51 18.31 -20.95
N LYS C 68 15.34 19.20 -20.40
CA LYS C 68 16.49 19.71 -21.15
C LYS C 68 17.62 18.66 -21.25
N LEU C 69 17.78 17.79 -20.25
CA LEU C 69 18.69 16.64 -20.34
C LEU C 69 18.27 15.74 -21.51
N ARG C 70 16.97 15.43 -21.56
CA ARG C 70 16.38 14.65 -22.63
C ARG C 70 16.64 15.27 -23.98
N PHE C 71 16.49 16.58 -24.07
CA PHE C 71 16.64 17.31 -25.31
C PHE C 71 18.06 17.26 -25.81
N ILE C 72 19.02 17.54 -24.91
CA ILE C 72 20.45 17.45 -25.21
C ILE C 72 20.81 16.07 -25.76
N VAL C 73 20.29 15.02 -25.13
CA VAL C 73 20.55 13.65 -25.54
C VAL C 73 19.94 13.40 -26.92
N ASN C 74 18.70 13.84 -27.12
CA ASN C 74 18.05 13.72 -28.42
C ASN C 74 18.80 14.45 -29.52
N GLN C 75 19.36 15.62 -29.19
CA GLN C 75 20.22 16.37 -30.12
C GLN C 75 21.57 15.70 -30.32
N GLU C 76 21.76 14.50 -29.74
CA GLU C 76 23.03 13.78 -29.73
C GLU C 76 24.22 14.73 -29.54
N GLU C 77 24.07 15.64 -28.58
CA GLU C 77 25.20 16.43 -28.10
C GLU C 77 25.98 15.56 -27.10
N LYS C 78 27.24 15.93 -26.87
CA LYS C 78 28.08 15.26 -25.86
C LYS C 78 27.50 15.55 -24.47
N LEU C 79 27.09 14.49 -23.77
CA LEU C 79 26.60 14.61 -22.42
C LEU C 79 27.72 14.29 -21.44
N ASN C 80 27.93 15.17 -20.46
CA ASN C 80 28.81 14.91 -19.33
C ASN C 80 28.03 15.14 -18.02
N LEU C 81 27.69 14.06 -17.34
CA LEU C 81 26.88 14.13 -16.13
C LEU C 81 27.63 14.70 -14.91
N ASP C 82 28.91 15.00 -15.07
CA ASP C 82 29.63 15.70 -14.02
C ASP C 82 29.49 17.22 -14.11
N ASP C 83 28.84 17.71 -15.17
CA ASP C 83 28.57 19.15 -15.31
C ASP C 83 27.63 19.62 -14.22
N SER C 84 27.84 20.85 -13.76
CA SER C 84 27.08 21.38 -12.63
C SER C 84 25.58 21.41 -12.90
N GLN C 85 25.23 21.55 -14.17
CA GLN C 85 23.82 21.54 -14.57
C GLN C 85 23.10 20.26 -14.11
N TRP C 86 23.82 19.14 -14.03
CA TRP C 86 23.23 17.85 -13.65
C TRP C 86 23.56 17.46 -12.21
N GLU C 87 23.92 18.41 -11.35
CA GLU C 87 24.40 18.06 -10.02
C GLU C 87 23.35 17.48 -9.05
N ASP C 88 22.07 17.66 -9.36
CA ASP C 88 21.00 16.94 -8.63
C ASP C 88 20.86 15.57 -9.29
N ILE C 89 21.28 14.54 -8.56
CA ILE C 89 21.25 13.17 -9.06
C ILE C 89 19.82 12.68 -9.36
N HIS C 90 18.81 13.33 -8.76
CA HIS C 90 17.38 13.00 -9.03
C HIS C 90 16.96 13.40 -10.46
N VAL C 91 17.64 14.37 -11.06
CA VAL C 91 17.44 14.66 -12.49
C VAL C 91 17.92 13.45 -13.33
N VAL C 92 19.05 12.86 -12.94
CA VAL C 92 19.60 11.73 -13.67
C VAL C 92 18.67 10.50 -13.54
N THR C 93 18.25 10.19 -12.32
CA THR C 93 17.33 9.08 -12.12
C THR C 93 16.01 9.34 -12.87
N GLY C 94 15.53 10.57 -12.80
CA GLY C 94 14.33 10.98 -13.50
C GLY C 94 14.41 10.81 -15.00
N ALA C 95 15.55 11.17 -15.57
CA ALA C 95 15.78 11.03 -17.02
C ALA C 95 15.91 9.57 -17.45
N LEU C 96 16.53 8.77 -16.61
CA LEU C 96 16.64 7.33 -16.87
C LEU C 96 15.25 6.66 -16.88
N LYS C 97 14.42 6.98 -15.90
CA LYS C 97 13.07 6.42 -15.86
C LYS C 97 12.22 6.92 -17.02
N MET C 98 12.39 8.18 -17.38
CA MET C 98 11.72 8.74 -18.53
C MET C 98 12.09 8.03 -19.84
N PHE C 99 13.37 7.72 -20.00
CA PHE C 99 13.80 6.93 -21.14
C PHE C 99 13.04 5.59 -21.27
N PHE C 100 12.95 4.87 -20.16
CA PHE C 100 12.24 3.60 -20.17
C PHE C 100 10.75 3.80 -20.36
N ARG C 101 10.22 4.90 -19.84
CA ARG C 101 8.80 5.17 -20.02
C ARG C 101 8.44 5.58 -21.43
N GLU C 102 9.39 6.18 -22.15
CA GLU C 102 9.20 6.67 -23.52
C GLU C 102 9.51 5.63 -24.59
N LEU C 103 10.05 4.48 -24.22
CA LEU C 103 10.26 3.40 -25.19
C LEU C 103 8.89 3.06 -25.82
N PRO C 104 8.82 2.91 -27.15
CA PRO C 104 7.50 2.56 -27.73
C PRO C 104 6.93 1.20 -27.27
N GLU C 105 7.81 0.30 -26.84
CA GLU C 105 7.40 -0.93 -26.21
C GLU C 105 8.18 -1.01 -24.89
N PRO C 106 7.57 -1.52 -23.82
CA PRO C 106 8.29 -1.58 -22.55
C PRO C 106 9.47 -2.54 -22.58
N LEU C 107 10.42 -2.37 -21.64
CA LEU C 107 11.60 -3.23 -21.56
C LEU C 107 11.17 -4.70 -21.50
N PHE C 108 10.16 -5.00 -20.71
CA PHE C 108 9.56 -6.33 -20.69
C PHE C 108 8.53 -6.36 -21.81
N PRO C 109 8.81 -7.08 -22.90
CA PRO C 109 7.86 -7.01 -24.03
C PRO C 109 6.47 -7.57 -23.69
N TYR C 110 5.41 -7.00 -24.28
CA TYR C 110 4.04 -7.44 -23.93
C TYR C 110 3.78 -8.89 -24.33
N SER C 111 4.43 -9.35 -25.39
CA SER C 111 4.32 -10.74 -25.78
C SER C 111 4.79 -11.70 -24.68
N PHE C 112 5.49 -11.18 -23.66
CA PHE C 112 5.99 -12.00 -22.54
C PHE C 112 5.20 -11.84 -21.27
N PHE C 113 4.25 -10.92 -21.24
CA PHE C 113 3.65 -10.57 -19.96
C PHE C 113 2.87 -11.75 -19.38
N GLU C 114 2.08 -12.40 -20.23
CA GLU C 114 1.31 -13.56 -19.77
C GLU C 114 2.26 -14.60 -19.16
N GLN C 115 3.42 -14.79 -19.77
CA GLN C 115 4.38 -15.80 -19.29
C GLN C 115 5.12 -15.34 -18.03
N PHE C 116 5.43 -14.05 -17.92
CA PHE C 116 6.07 -13.58 -16.68
C PHE C 116 5.10 -13.68 -15.49
N VAL C 117 3.80 -13.52 -15.78
CA VAL C 117 2.75 -13.63 -14.76
C VAL C 117 2.59 -15.10 -14.32
N GLU C 118 2.50 -16.02 -15.29
CA GLU C 118 2.45 -17.46 -14.98
C GLU C 118 3.69 -17.86 -14.20
N ALA C 119 4.80 -17.16 -14.49
CA ALA C 119 6.06 -17.35 -13.78
C ALA C 119 6.02 -16.95 -12.31
N ILE C 120 5.63 -15.70 -12.00
CA ILE C 120 5.61 -15.28 -10.58
C ILE C 120 4.48 -15.89 -9.78
N LYS C 121 3.41 -16.38 -10.43
CA LYS C 121 2.38 -17.14 -9.70
C LYS C 121 2.82 -18.57 -9.33
N LYS C 122 4.02 -19.00 -9.72
CA LYS C 122 4.45 -20.36 -9.33
C LYS C 122 4.45 -20.48 -7.82
N GLN C 123 4.40 -21.70 -7.36
CA GLN C 123 3.90 -22.01 -6.05
C GLN C 123 4.95 -21.65 -4.99
N ASP C 124 6.23 -21.86 -5.31
CA ASP C 124 7.31 -21.51 -4.39
C ASP C 124 8.30 -20.60 -5.08
N ASN C 125 9.27 -20.08 -4.34
CA ASN C 125 10.24 -19.12 -4.89
C ASN C 125 11.24 -19.74 -5.91
N ASN C 126 11.68 -20.98 -5.69
CA ASN C 126 12.65 -21.60 -6.63
C ASN C 126 12.08 -21.86 -8.01
N THR C 127 10.81 -22.24 -8.08
CA THR C 127 10.15 -22.50 -9.35
C THR C 127 9.87 -21.20 -10.06
N ARG C 128 9.42 -20.19 -9.31
CA ARG C 128 9.36 -18.80 -9.81
C ARG C 128 10.66 -18.31 -10.45
N ILE C 129 11.76 -18.40 -9.70
CA ILE C 129 13.08 -18.01 -10.16
C ILE C 129 13.45 -18.64 -11.52
N GLU C 130 13.39 -19.95 -11.57
CA GLU C 130 13.75 -20.73 -12.73
C GLU C 130 12.84 -20.40 -13.87
N ALA C 131 11.55 -20.23 -13.56
CA ALA C 131 10.55 -19.87 -14.55
C ALA C 131 10.85 -18.52 -15.19
N VAL C 132 11.23 -17.55 -14.34
CA VAL C 132 11.58 -16.19 -14.78
C VAL C 132 12.90 -16.17 -15.59
N LYS C 133 13.91 -16.84 -15.06
CA LYS C 133 15.20 -17.02 -15.75
C LYS C 133 15.03 -17.65 -17.16
N SER C 134 14.21 -18.69 -17.24
CA SER C 134 13.86 -19.31 -18.53
C SER C 134 13.28 -18.29 -19.52
N LEU C 135 12.45 -17.37 -19.03
CA LEU C 135 11.83 -16.34 -19.89
C LEU C 135 12.84 -15.28 -20.31
N VAL C 136 13.71 -14.91 -19.38
CA VAL C 136 14.80 -13.99 -19.65
C VAL C 136 15.70 -14.48 -20.78
N GLN C 137 16.03 -15.78 -20.79
CA GLN C 137 16.79 -16.40 -21.88
C GLN C 137 16.09 -16.32 -23.26
N LYS C 138 14.76 -16.20 -23.28
CA LYS C 138 13.97 -16.11 -24.52
C LYS C 138 13.80 -14.64 -25.03
N LEU C 139 14.29 -13.69 -24.25
CA LEU C 139 14.22 -12.30 -24.62
C LEU C 139 15.07 -11.94 -25.86
N PRO C 140 14.68 -10.84 -26.55
CA PRO C 140 15.66 -10.27 -27.47
C PRO C 140 16.86 -9.82 -26.65
N PRO C 141 18.10 -10.06 -27.14
CA PRO C 141 19.32 -9.62 -26.46
C PRO C 141 19.33 -8.18 -25.93
N PRO C 142 18.83 -7.19 -26.70
CA PRO C 142 18.75 -5.86 -26.10
C PRO C 142 17.92 -5.78 -24.82
N ASN C 143 16.73 -6.34 -24.88
CA ASN C 143 15.87 -6.37 -23.74
C ASN C 143 16.56 -7.04 -22.58
N ARG C 144 17.17 -8.20 -22.85
CA ARG C 144 17.80 -9.01 -21.84
C ARG C 144 19.01 -8.35 -21.23
N ASP C 145 19.91 -7.86 -22.08
CA ASP C 145 21.16 -7.30 -21.57
C ASP C 145 20.98 -5.96 -20.85
N THR C 146 19.98 -5.20 -21.25
CA THR C 146 19.57 -3.96 -20.55
C THR C 146 18.96 -4.26 -19.18
N MET C 147 18.13 -5.29 -19.09
CA MET C 147 17.62 -5.78 -17.80
C MET C 147 18.74 -6.12 -16.85
N LYS C 148 19.72 -6.90 -17.33
CA LYS C 148 20.84 -7.31 -16.47
C LYS C 148 21.53 -6.10 -15.87
N VAL C 149 21.88 -5.16 -16.72
CA VAL C 149 22.58 -3.97 -16.32
C VAL C 149 21.75 -3.13 -15.32
N LEU C 150 20.48 -2.90 -15.63
CA LEU C 150 19.65 -2.09 -14.76
C LEU C 150 19.39 -2.75 -13.41
N PHE C 151 18.94 -4.01 -13.42
CA PHE C 151 18.70 -4.76 -12.17
C PHE C 151 19.98 -4.99 -11.37
N GLY C 152 21.10 -5.20 -12.07
CA GLY C 152 22.42 -5.30 -11.44
C GLY C 152 22.78 -4.04 -10.66
N HIS C 153 22.57 -2.91 -11.29
CA HIS C 153 22.72 -1.60 -10.69
C HIS C 153 21.80 -1.40 -9.49
N LEU C 154 20.53 -1.78 -9.63
CA LEU C 154 19.55 -1.64 -8.55
C LEU C 154 19.85 -2.49 -7.30
N THR C 155 20.50 -3.64 -7.47
CA THR C 155 20.95 -4.43 -6.32
C THR C 155 21.91 -3.61 -5.44
N LYS C 156 22.67 -2.73 -6.04
CA LYS C 156 23.58 -1.83 -5.30
C LYS C 156 22.83 -0.71 -4.52
N ILE C 157 21.64 -0.35 -4.99
CA ILE C 157 20.75 0.58 -4.26
C ILE C 157 20.25 -0.13 -3.01
N VAL C 158 19.86 -1.39 -3.16
CA VAL C 158 19.27 -2.17 -2.07
C VAL C 158 20.31 -2.42 -0.99
N ALA C 159 21.52 -2.77 -1.42
CA ALA C 159 22.69 -2.96 -0.56
C ALA C 159 22.99 -1.75 0.34
N LYS C 160 22.69 -0.55 -0.16
CA LYS C 160 22.93 0.67 0.61
C LYS C 160 21.64 1.23 1.23
N ALA C 161 20.61 0.37 1.41
CA ALA C 161 19.32 0.75 2.01
C ALA C 161 19.42 1.54 3.33
N SER C 162 20.42 1.21 4.14
CA SER C 162 20.69 1.95 5.38
C SER C 162 20.91 3.44 5.13
N LYS C 163 21.53 3.77 3.99
CA LYS C 163 21.90 5.15 3.65
C LYS C 163 20.88 5.85 2.76
N ASN C 164 20.31 5.11 1.80
CA ASN C 164 19.34 5.67 0.86
C ASN C 164 17.86 5.42 1.17
N LEU C 165 17.60 4.57 2.16
CA LEU C 165 16.24 4.32 2.69
C LEU C 165 15.27 3.71 1.66
N MET C 166 15.82 3.07 0.62
CA MET C 166 15.03 2.35 -0.36
C MET C 166 15.03 0.88 0.02
N SER C 167 14.11 0.15 -0.60
CA SER C 167 14.00 -1.27 -0.38
C SER C 167 13.67 -1.90 -1.72
N THR C 168 13.73 -3.23 -1.76
CA THR C 168 13.24 -4.00 -2.90
C THR C 168 11.80 -3.59 -3.22
N GLN C 169 10.99 -3.35 -2.19
CA GLN C 169 9.60 -3.06 -2.35
C GLN C 169 9.36 -1.68 -2.97
N SER C 170 10.03 -0.69 -2.43
CA SER C 170 9.87 0.65 -2.97
C SER C 170 10.44 0.78 -4.37
N LEU C 171 11.50 0.04 -4.66
CA LEU C 171 12.04 -0.02 -6.01
C LEU C 171 11.12 -0.76 -6.97
N GLY C 172 10.46 -1.81 -6.51
CA GLY C 172 9.48 -2.51 -7.33
C GLY C 172 8.32 -1.57 -7.66
N ILE C 173 7.94 -0.71 -6.70
CA ILE C 173 6.85 0.26 -6.91
C ILE C 173 7.21 1.24 -8.01
N VAL C 174 8.45 1.67 -8.04
CA VAL C 174 8.93 2.57 -9.07
C VAL C 174 9.12 1.84 -10.40
N PHE C 175 9.77 0.69 -10.39
CA PHE C 175 10.18 0.07 -11.65
C PHE C 175 9.18 -0.91 -12.28
N GLY C 176 8.20 -1.37 -11.50
CA GLY C 176 7.13 -2.21 -12.03
C GLY C 176 6.41 -1.54 -13.19
N PRO C 177 5.80 -0.38 -12.94
CA PRO C 177 5.14 0.39 -14.02
C PRO C 177 6.11 0.88 -15.11
N THR C 178 7.29 1.30 -14.71
CA THR C 178 8.30 1.81 -15.65
C THR C 178 8.77 0.78 -16.69
N LEU C 179 8.95 -0.47 -16.25
CA LEU C 179 9.59 -1.52 -17.06
C LEU C 179 8.61 -2.49 -17.71
N LEU C 180 7.41 -2.65 -17.14
CA LEU C 180 6.43 -3.59 -17.65
C LEU C 180 5.11 -2.94 -18.15
N ARG C 181 4.72 -1.78 -17.65
CA ARG C 181 3.49 -1.12 -18.15
C ARG C 181 2.23 -1.99 -18.19
N ALA C 182 2.09 -2.85 -17.18
CA ALA C 182 1.01 -3.82 -17.13
C ALA C 182 -0.36 -3.19 -16.89
N GLU C 183 -0.39 -1.98 -16.30
CA GLU C 183 -1.65 -1.31 -15.99
C GLU C 183 -2.51 -1.16 -17.27
N ASN C 184 -1.83 -1.04 -18.42
CA ASN C 184 -2.48 -0.89 -19.70
C ASN C 184 -3.24 -2.16 -20.16
N GLU C 185 -2.70 -3.32 -19.83
CA GLU C 185 -3.21 -4.61 -20.33
C GLU C 185 -4.67 -4.87 -19.96
N THR C 186 -5.35 -5.68 -20.77
CA THR C 186 -6.75 -5.96 -20.52
C THR C 186 -6.83 -6.89 -19.32
N GLY C 187 -7.78 -6.53 -18.44
CA GLY C 187 -7.98 -7.26 -17.19
C GLY C 187 -8.16 -6.29 -16.03
N ASN C 188 -7.77 -6.77 -14.85
CA ASN C 188 -7.96 -6.05 -13.60
C ASN C 188 -6.67 -5.33 -13.23
N MET C 189 -6.78 -4.01 -13.16
CA MET C 189 -5.61 -3.15 -13.08
C MET C 189 -4.85 -3.29 -11.76
N ALA C 190 -5.58 -3.25 -10.63
CA ALA C 190 -5.04 -3.52 -9.29
C ALA C 190 -4.22 -4.83 -9.26
N ILE C 191 -4.77 -5.84 -9.93
CA ILE C 191 -4.10 -7.14 -10.07
C ILE C 191 -2.86 -7.03 -10.93
N HIS C 192 -2.96 -6.35 -12.06
CA HIS C 192 -1.80 -6.16 -12.97
C HIS C 192 -0.72 -5.32 -12.34
N MET C 193 -1.10 -4.36 -11.51
CA MET C 193 -0.10 -3.59 -10.76
C MET C 193 0.70 -4.43 -9.76
N VAL C 194 0.06 -5.37 -9.08
CA VAL C 194 0.74 -6.27 -8.17
C VAL C 194 1.62 -7.26 -8.96
N TYR C 195 1.13 -7.73 -10.11
CA TYR C 195 1.90 -8.63 -10.96
C TYR C 195 3.22 -8.00 -11.36
N GLN C 196 3.20 -6.74 -11.80
CA GLN C 196 4.40 -6.13 -12.32
C GLN C 196 5.36 -5.75 -11.24
N ASN C 197 4.85 -5.33 -10.09
CA ASN C 197 5.73 -5.01 -8.96
C ASN C 197 6.41 -6.24 -8.38
N GLN C 198 5.67 -7.36 -8.31
CA GLN C 198 6.22 -8.63 -7.82
C GLN C 198 7.28 -9.15 -8.79
N ILE C 199 7.04 -8.99 -10.10
CA ILE C 199 8.03 -9.41 -11.10
C ILE C 199 9.32 -8.62 -10.92
N ALA C 200 9.17 -7.30 -10.78
CA ALA C 200 10.34 -6.42 -10.58
C ALA C 200 11.08 -6.72 -9.27
N GLU C 201 10.34 -6.99 -8.19
CA GLU C 201 10.95 -7.39 -6.92
C GLU C 201 11.74 -8.70 -7.00
N LEU C 202 11.22 -9.67 -7.73
CA LEU C 202 11.91 -10.95 -7.92
C LEU C 202 13.20 -10.80 -8.73
N MET C 203 13.14 -10.01 -9.81
CA MET C 203 14.32 -9.80 -10.67
C MET C 203 15.41 -9.10 -9.87
N LEU C 204 14.99 -8.29 -8.90
CA LEU C 204 15.90 -7.54 -8.05
C LEU C 204 16.48 -8.37 -6.93
N SER C 205 15.61 -9.05 -6.18
CA SER C 205 16.03 -9.83 -5.02
C SER C 205 16.71 -11.16 -5.38
N GLU C 206 16.42 -11.70 -6.57
CA GLU C 206 17.07 -12.92 -7.01
C GLU C 206 17.90 -12.70 -8.28
N TYR C 207 18.45 -11.50 -8.39
CA TYR C 207 19.25 -11.09 -9.52
C TYR C 207 20.37 -12.08 -9.85
N SER C 208 21.13 -12.51 -8.84
CA SER C 208 22.27 -13.40 -9.03
C SER C 208 21.86 -14.74 -9.62
N LYS C 209 20.78 -15.30 -9.12
CA LYS C 209 20.30 -16.59 -9.60
C LYS C 209 19.63 -16.43 -10.96
N ILE C 210 19.04 -15.27 -11.25
CA ILE C 210 18.33 -15.07 -12.52
C ILE C 210 19.27 -14.67 -13.65
N PHE C 211 20.23 -13.78 -13.34
CA PHE C 211 21.16 -13.22 -14.33
C PHE C 211 22.60 -13.75 -14.24
N GLY C 212 22.96 -14.34 -13.12
CA GLY C 212 24.19 -15.12 -13.02
C GLY C 212 23.88 -16.60 -13.14
N SER C 213 24.73 -17.43 -12.53
CA SER C 213 24.62 -18.87 -12.56
C SER C 213 24.52 -19.43 -11.10
N PRO D 4 -22.51 -21.86 33.76
CA PRO D 4 -21.67 -21.18 34.74
C PRO D 4 -20.87 -20.05 34.11
N SER D 5 -20.78 -18.92 34.80
CA SER D 5 -20.09 -17.75 34.23
C SER D 5 -18.58 -17.92 34.26
N LEU D 6 -17.87 -17.06 33.55
CA LEU D 6 -16.42 -17.04 33.58
C LEU D 6 -15.91 -16.57 34.94
N LYS D 7 -16.56 -15.55 35.53
CA LYS D 7 -16.22 -15.05 36.87
C LYS D 7 -16.35 -16.15 37.92
N THR D 8 -17.50 -16.82 37.92
CA THR D 8 -17.74 -18.03 38.71
C THR D 8 -16.58 -19.02 38.57
N LEU D 9 -16.31 -19.45 37.34
CA LEU D 9 -15.24 -20.41 37.06
C LEU D 9 -13.86 -19.93 37.52
N GLN D 10 -13.63 -18.63 37.39
CA GLN D 10 -12.39 -18.01 37.85
C GLN D 10 -12.28 -18.06 39.37
N GLU D 11 -13.34 -17.67 40.07
CA GLU D 11 -13.37 -17.73 41.54
C GLU D 11 -13.26 -19.17 42.04
N LYS D 12 -14.09 -20.06 41.48
CA LYS D 12 -14.06 -21.47 41.84
C LYS D 12 -12.78 -22.18 41.37
N GLY D 13 -11.88 -21.43 40.73
CA GLY D 13 -10.53 -21.91 40.43
C GLY D 13 -10.42 -23.04 39.41
N LEU D 14 -11.44 -23.22 38.59
CA LEU D 14 -11.40 -24.20 37.50
C LEU D 14 -10.69 -23.59 36.29
N ILE D 15 -10.79 -22.26 36.15
CA ILE D 15 -10.10 -21.46 35.12
C ILE D 15 -9.13 -20.50 35.81
N LYS D 16 -7.90 -20.48 35.34
CA LYS D 16 -6.98 -19.37 35.62
C LYS D 16 -6.80 -18.55 34.31
N ASP D 17 -6.82 -17.23 34.44
CA ASP D 17 -6.52 -16.28 33.33
C ASP D 17 -5.27 -15.50 33.74
N GLN D 18 -4.14 -16.18 33.82
CA GLN D 18 -2.90 -15.57 34.27
C GLN D 18 -2.14 -14.92 33.09
N ILE D 19 -1.54 -15.73 32.24
CA ILE D 19 -0.61 -15.23 31.24
C ILE D 19 -1.20 -14.17 30.30
N PHE D 20 -2.30 -14.48 29.63
CA PHE D 20 -2.84 -13.57 28.63
C PHE D 20 -3.71 -12.50 29.30
N GLY D 21 -3.64 -11.25 28.82
CA GLY D 21 -4.47 -10.14 29.32
C GLY D 21 -3.93 -9.41 30.55
N SER D 22 -2.74 -9.79 31.00
CA SER D 22 -2.09 -9.12 32.13
C SER D 22 -1.00 -8.17 31.64
N HIS D 23 -0.89 -7.03 32.31
CA HIS D 23 0.08 -6.01 31.97
C HIS D 23 1.44 -6.66 32.04
N LEU D 24 2.29 -6.24 31.11
CA LEU D 24 3.57 -6.89 30.86
C LEU D 24 4.37 -7.05 32.14
N HIS D 25 4.30 -6.02 32.99
CA HIS D 25 5.06 -5.91 34.24
C HIS D 25 4.56 -6.89 35.28
N LYS D 26 3.25 -7.05 35.36
CA LYS D 26 2.65 -7.98 36.29
C LYS D 26 3.13 -9.38 35.92
N VAL D 27 2.95 -9.74 34.65
CA VAL D 27 3.40 -11.05 34.12
C VAL D 27 4.87 -11.32 34.41
N CYS D 28 5.70 -10.28 34.33
CA CYS D 28 7.15 -10.43 34.47
C CYS D 28 7.54 -10.46 35.95
N GLU D 29 6.85 -9.69 36.79
CA GLU D 29 6.97 -9.82 38.25
C GLU D 29 6.65 -11.27 38.64
N ARG D 30 5.47 -11.75 38.23
CA ARG D 30 5.02 -13.12 38.54
C ARG D 30 6.06 -14.18 38.18
N GLU D 31 6.87 -13.95 37.14
CA GLU D 31 7.91 -14.89 36.69
C GLU D 31 9.35 -14.52 37.13
N ASN D 32 9.52 -13.32 37.67
CA ASN D 32 10.85 -12.76 38.01
C ASN D 32 11.85 -12.62 36.85
N SER D 33 11.32 -12.57 35.62
CA SER D 33 12.12 -12.23 34.44
C SER D 33 11.75 -10.81 34.04
N THR D 34 12.31 -10.33 32.95
CA THR D 34 11.84 -9.09 32.32
C THR D 34 11.27 -9.38 30.92
N VAL D 35 11.41 -10.64 30.48
CA VAL D 35 10.78 -11.13 29.27
C VAL D 35 9.86 -12.28 29.62
N PRO D 36 8.58 -12.23 29.18
CA PRO D 36 7.73 -13.38 29.52
C PRO D 36 8.19 -14.70 28.89
N TRP D 37 8.16 -15.73 29.71
CA TRP D 37 8.43 -17.10 29.31
C TRP D 37 7.73 -17.56 28.05
N PHE D 38 6.46 -17.22 27.93
CA PHE D 38 5.70 -17.64 26.77
C PHE D 38 6.28 -17.01 25.50
N VAL D 39 6.72 -15.74 25.59
CA VAL D 39 7.33 -15.07 24.44
C VAL D 39 8.62 -15.77 24.04
N LYS D 40 9.44 -16.13 25.01
CA LYS D 40 10.71 -16.83 24.72
C LYS D 40 10.47 -18.24 24.15
N GLN D 41 9.39 -18.89 24.61
CA GLN D 41 9.00 -20.20 24.10
C GLN D 41 8.56 -20.17 22.66
N CYS D 42 7.75 -19.18 22.33
CA CYS D 42 7.28 -18.99 20.94
C CYS D 42 8.44 -18.68 20.01
N ILE D 43 9.28 -17.72 20.40
CA ILE D 43 10.51 -17.40 19.67
C ILE D 43 11.37 -18.62 19.46
N GLU D 44 11.55 -19.45 20.48
CA GLU D 44 12.38 -20.65 20.35
C GLU D 44 11.83 -21.63 19.31
N ALA D 45 10.54 -21.87 19.32
CA ALA D 45 9.90 -22.73 18.34
C ALA D 45 10.05 -22.18 16.91
N VAL D 46 9.90 -20.86 16.73
CA VAL D 46 9.95 -20.25 15.40
C VAL D 46 11.38 -20.31 14.87
N GLU D 47 12.36 -20.03 15.71
CA GLU D 47 13.77 -20.15 15.31
C GLU D 47 14.15 -21.62 15.00
N LYS D 48 13.52 -22.56 15.68
CA LYS D 48 13.77 -23.98 15.47
C LYS D 48 13.19 -24.50 14.16
N ARG D 49 11.94 -24.13 13.87
CA ARG D 49 11.26 -24.73 12.72
C ARG D 49 10.43 -23.79 11.87
N GLY D 50 10.68 -22.48 11.97
CA GLY D 50 9.87 -21.52 11.26
C GLY D 50 10.59 -20.49 10.40
N LEU D 51 11.92 -20.44 10.45
CA LEU D 51 12.64 -19.34 9.75
C LEU D 51 12.57 -19.42 8.22
N ASP D 52 12.38 -20.62 7.69
CA ASP D 52 12.29 -20.87 6.24
C ASP D 52 10.89 -20.95 5.71
N VAL D 53 9.90 -20.73 6.57
CA VAL D 53 8.49 -20.96 6.20
C VAL D 53 7.93 -19.71 5.52
N ASP D 54 7.33 -19.92 4.35
CA ASP D 54 6.76 -18.84 3.56
C ASP D 54 5.73 -18.06 4.35
N GLY D 55 5.88 -16.74 4.40
CA GLY D 55 4.90 -15.87 5.03
C GLY D 55 4.89 -15.90 6.56
N ILE D 56 5.98 -16.36 7.14
CA ILE D 56 6.06 -16.46 8.59
C ILE D 56 5.73 -15.08 9.22
N TYR D 57 4.75 -15.10 10.15
CA TYR D 57 4.23 -13.91 10.87
C TYR D 57 3.14 -13.17 10.12
N ARG D 58 3.07 -13.34 8.80
CA ARG D 58 1.99 -12.80 8.00
C ARG D 58 0.85 -13.80 7.85
N VAL D 59 1.19 -15.06 7.60
CA VAL D 59 0.15 -16.07 7.49
C VAL D 59 -0.45 -16.35 8.86
N SER D 60 -1.76 -16.63 8.84
CA SER D 60 -2.54 -16.89 10.04
C SER D 60 -2.68 -18.38 10.27
N GLY D 61 -2.42 -18.80 11.50
CA GLY D 61 -2.69 -20.18 11.90
C GLY D 61 -4.15 -20.32 12.24
N ASN D 62 -4.59 -21.57 12.34
CA ASN D 62 -5.95 -21.90 12.76
C ASN D 62 -6.26 -21.19 14.09
N LEU D 63 -7.23 -20.26 14.06
CA LEU D 63 -7.58 -19.46 15.23
C LEU D 63 -8.11 -20.32 16.36
N ALA D 64 -8.92 -21.34 16.04
CA ALA D 64 -9.37 -22.32 17.06
C ALA D 64 -8.20 -22.99 17.78
N THR D 65 -7.17 -23.39 17.05
CA THR D 65 -5.99 -23.98 17.66
C THR D 65 -5.18 -22.96 18.47
N ILE D 66 -5.08 -21.73 17.97
CA ILE D 66 -4.49 -20.62 18.72
C ILE D 66 -5.23 -20.37 20.04
N GLN D 67 -6.56 -20.39 19.99
CA GLN D 67 -7.37 -20.22 21.19
C GLN D 67 -7.14 -21.34 22.21
N LYS D 68 -6.97 -22.59 21.78
CA LYS D 68 -6.62 -23.68 22.74
C LYS D 68 -5.23 -23.51 23.30
N LEU D 69 -4.30 -23.07 22.45
CA LEU D 69 -2.97 -22.77 22.92
C LEU D 69 -3.02 -21.74 24.04
N ARG D 70 -3.71 -20.63 23.78
CA ARG D 70 -3.91 -19.55 24.76
C ARG D 70 -4.51 -20.08 26.04
N PHE D 71 -5.53 -20.93 25.92
CA PHE D 71 -6.20 -21.46 27.10
C PHE D 71 -5.28 -22.32 27.96
N ILE D 72 -4.52 -23.22 27.31
CA ILE D 72 -3.52 -24.06 28.00
C ILE D 72 -2.49 -23.23 28.75
N VAL D 73 -2.03 -22.16 28.12
CA VAL D 73 -1.07 -21.25 28.75
C VAL D 73 -1.72 -20.55 29.94
N ASN D 74 -2.93 -20.04 29.75
CA ASN D 74 -3.66 -19.38 30.82
C ASN D 74 -3.92 -20.29 32.01
N GLN D 75 -4.21 -21.56 31.74
CA GLN D 75 -4.33 -22.59 32.77
C GLN D 75 -2.98 -22.95 33.43
N GLU D 76 -1.92 -22.25 33.05
CA GLU D 76 -0.53 -22.52 33.46
C GLU D 76 -0.25 -24.01 33.47
N GLU D 77 -0.68 -24.67 32.40
CA GLU D 77 -0.25 -26.03 32.14
C GLU D 77 1.15 -25.98 31.47
N LYS D 78 1.86 -27.11 31.57
CA LYS D 78 3.15 -27.30 30.91
C LYS D 78 2.92 -27.24 29.39
N LEU D 79 3.51 -26.24 28.73
CA LEU D 79 3.45 -26.15 27.28
C LEU D 79 4.71 -26.74 26.67
N ASN D 80 4.55 -27.63 25.68
CA ASN D 80 5.67 -28.13 24.89
C ASN D 80 5.34 -27.96 23.41
N LEU D 81 5.99 -26.98 22.77
CA LEU D 81 5.67 -26.65 21.38
C LEU D 81 6.15 -27.69 20.36
N ASP D 82 6.87 -28.71 20.82
CA ASP D 82 7.22 -29.83 19.93
C ASP D 82 6.10 -30.88 19.86
N ASP D 83 5.03 -30.72 20.65
CA ASP D 83 3.87 -31.60 20.57
C ASP D 83 3.23 -31.46 19.21
N SER D 84 2.67 -32.55 18.70
CA SER D 84 2.10 -32.58 17.36
C SER D 84 0.94 -31.59 17.21
N GLN D 85 0.26 -31.32 18.31
CA GLN D 85 -0.84 -30.37 18.36
C GLN D 85 -0.42 -28.99 17.86
N TRP D 86 0.84 -28.64 18.10
CA TRP D 86 1.39 -27.34 17.71
C TRP D 86 2.28 -27.41 16.46
N GLU D 87 2.10 -28.40 15.60
CA GLU D 87 3.01 -28.58 14.46
C GLU D 87 2.91 -27.53 13.34
N ASP D 88 1.80 -26.80 13.26
CA ASP D 88 1.73 -25.64 12.38
C ASP D 88 2.38 -24.46 13.12
N ILE D 89 3.54 -24.03 12.62
CA ILE D 89 4.26 -22.93 13.24
C ILE D 89 3.47 -21.60 13.14
N HIS D 90 2.48 -21.55 12.25
CA HIS D 90 1.61 -20.40 12.15
C HIS D 90 0.65 -20.24 13.35
N VAL D 91 0.33 -21.34 14.01
CA VAL D 91 -0.40 -21.31 15.30
C VAL D 91 0.49 -20.61 16.38
N VAL D 92 1.79 -20.88 16.34
CA VAL D 92 2.74 -20.31 17.32
C VAL D 92 2.95 -18.81 17.08
N THR D 93 3.17 -18.44 15.83
CA THR D 93 3.27 -17.02 15.47
C THR D 93 1.98 -16.29 15.80
N GLY D 94 0.83 -16.92 15.49
CA GLY D 94 -0.48 -16.36 15.80
C GLY D 94 -0.70 -16.12 17.28
N ALA D 95 -0.24 -17.05 18.12
CA ALA D 95 -0.42 -16.97 19.55
C ALA D 95 0.52 -15.93 20.16
N LEU D 96 1.70 -15.77 19.56
CA LEU D 96 2.64 -14.73 19.99
C LEU D 96 2.05 -13.37 19.76
N LYS D 97 1.52 -13.19 18.55
CA LYS D 97 0.93 -11.92 18.20
C LYS D 97 -0.28 -11.57 19.05
N MET D 98 -1.12 -12.57 19.33
CA MET D 98 -2.31 -12.42 20.18
C MET D 98 -1.95 -12.03 21.60
N PHE D 99 -0.88 -12.62 22.12
CA PHE D 99 -0.34 -12.25 23.40
C PHE D 99 -0.04 -10.75 23.48
N PHE D 100 0.65 -10.21 22.48
CA PHE D 100 0.98 -8.80 22.45
C PHE D 100 -0.23 -7.94 22.23
N ARG D 101 -1.17 -8.44 21.42
CA ARG D 101 -2.44 -7.75 21.20
C ARG D 101 -3.34 -7.67 22.42
N GLU D 102 -3.19 -8.65 23.30
CA GLU D 102 -4.04 -8.76 24.48
C GLU D 102 -3.43 -8.13 25.73
N LEU D 103 -2.19 -7.66 25.64
CA LEU D 103 -1.64 -6.90 26.74
C LEU D 103 -2.56 -5.69 26.95
N PRO D 104 -2.87 -5.35 28.22
CA PRO D 104 -3.72 -4.16 28.48
C PRO D 104 -3.11 -2.83 28.02
N GLU D 105 -1.78 -2.76 27.99
CA GLU D 105 -1.05 -1.65 27.43
C GLU D 105 -0.13 -2.26 26.37
N PRO D 106 0.02 -1.63 25.19
CA PRO D 106 0.96 -2.20 24.20
C PRO D 106 2.40 -2.22 24.67
N LEU D 107 3.23 -3.02 24.01
CA LEU D 107 4.65 -3.13 24.30
C LEU D 107 5.35 -1.77 24.28
N PHE D 108 5.02 -0.94 23.28
CA PHE D 108 5.45 0.46 23.28
C PHE D 108 4.45 1.25 24.10
N PRO D 109 4.85 1.79 25.26
CA PRO D 109 3.85 2.48 26.06
C PRO D 109 3.31 3.70 25.34
N TYR D 110 2.02 3.94 25.41
CA TYR D 110 1.43 5.05 24.66
C TYR D 110 2.11 6.37 25.00
N SER D 111 2.50 6.53 26.27
CA SER D 111 3.14 7.76 26.74
C SER D 111 4.49 8.04 26.08
N PHE D 112 5.03 7.06 25.38
CA PHE D 112 6.25 7.24 24.60
C PHE D 112 6.01 7.45 23.12
N PHE D 113 4.78 7.22 22.66
CA PHE D 113 4.51 7.27 21.21
C PHE D 113 4.90 8.59 20.57
N GLU D 114 4.49 9.67 21.23
CA GLU D 114 4.72 11.01 20.75
C GLU D 114 6.21 11.23 20.52
N GLN D 115 7.04 10.67 21.41
CA GLN D 115 8.50 10.78 21.35
C GLN D 115 9.09 9.86 20.31
N PHE D 116 8.56 8.65 20.21
CA PHE D 116 9.01 7.74 19.16
C PHE D 116 8.74 8.35 17.79
N VAL D 117 7.63 9.07 17.68
CA VAL D 117 7.27 9.72 16.42
C VAL D 117 8.24 10.86 16.12
N GLU D 118 8.43 11.77 17.09
CA GLU D 118 9.39 12.89 16.92
C GLU D 118 10.73 12.34 16.46
N ALA D 119 11.09 11.16 16.95
CA ALA D 119 12.35 10.48 16.62
C ALA D 119 12.42 10.06 15.16
N ILE D 120 11.42 9.32 14.65
CA ILE D 120 11.48 8.87 13.25
C ILE D 120 11.10 9.98 12.25
N LYS D 121 10.61 11.11 12.73
CA LYS D 121 10.42 12.30 11.88
C LYS D 121 11.71 13.09 11.65
N LYS D 122 12.79 12.76 12.37
CA LYS D 122 14.03 13.53 12.25
C LYS D 122 14.43 13.67 10.79
N GLN D 123 15.23 14.70 10.48
CA GLN D 123 15.61 15.00 9.10
C GLN D 123 16.39 13.83 8.47
N ASP D 124 17.55 13.49 9.04
CA ASP D 124 18.37 12.39 8.54
C ASP D 124 18.05 11.13 9.32
N ASN D 125 18.65 10.01 8.90
CA ASN D 125 18.43 8.68 9.54
C ASN D 125 19.33 8.38 10.77
N ASN D 126 20.54 8.92 10.81
CA ASN D 126 21.44 8.73 11.95
C ASN D 126 20.97 9.40 13.25
N THR D 127 20.27 10.53 13.11
CA THR D 127 19.65 11.22 14.26
C THR D 127 18.49 10.38 14.77
N ARG D 128 17.72 9.81 13.83
CA ARG D 128 16.63 8.86 14.14
C ARG D 128 17.09 7.70 15.03
N ILE D 129 18.28 7.18 14.80
CA ILE D 129 18.78 6.03 15.54
C ILE D 129 19.08 6.43 16.99
N GLU D 130 19.90 7.47 17.15
CA GLU D 130 20.32 7.93 18.48
C GLU D 130 19.08 8.29 19.33
N ALA D 131 18.12 8.98 18.71
CA ALA D 131 16.88 9.37 19.35
C ALA D 131 15.97 8.18 19.72
N VAL D 132 16.04 7.10 18.95
CA VAL D 132 15.18 5.95 19.24
C VAL D 132 15.84 5.11 20.31
N LYS D 133 17.16 4.97 20.21
CA LYS D 133 17.99 4.31 21.19
C LYS D 133 17.86 5.03 22.53
N SER D 134 17.88 6.35 22.51
CA SER D 134 17.80 7.16 23.73
C SER D 134 16.49 6.96 24.52
N LEU D 135 15.39 6.78 23.78
CA LEU D 135 14.09 6.52 24.39
C LEU D 135 14.03 5.11 24.96
N VAL D 136 14.51 4.14 24.18
CA VAL D 136 14.59 2.75 24.64
C VAL D 136 15.31 2.64 25.99
N GLN D 137 16.40 3.39 26.16
CA GLN D 137 17.15 3.38 27.41
C GLN D 137 16.39 4.03 28.58
N LYS D 138 15.32 4.77 28.28
CA LYS D 138 14.40 5.27 29.29
C LYS D 138 13.28 4.28 29.59
N LEU D 139 13.07 3.28 28.74
CA LEU D 139 11.96 2.34 28.92
C LEU D 139 12.07 1.50 30.18
N PRO D 140 10.91 1.03 30.73
CA PRO D 140 10.92 0.06 31.85
C PRO D 140 11.56 -1.25 31.40
N PRO D 141 12.33 -1.92 32.28
CA PRO D 141 13.08 -3.07 31.80
C PRO D 141 12.27 -4.12 31.02
N PRO D 142 11.07 -4.48 31.51
CA PRO D 142 10.24 -5.43 30.73
C PRO D 142 10.03 -5.00 29.30
N ASN D 143 9.78 -3.71 29.12
CA ASN D 143 9.46 -3.21 27.79
C ASN D 143 10.68 -3.24 26.87
N ARG D 144 11.81 -2.77 27.37
CA ARG D 144 13.04 -2.73 26.61
C ARG D 144 13.57 -4.13 26.32
N ASP D 145 13.70 -4.95 27.36
CA ASP D 145 14.17 -6.31 27.18
C ASP D 145 13.28 -7.13 26.21
N THR D 146 11.98 -7.03 26.34
CA THR D 146 11.04 -7.77 25.49
C THR D 146 11.12 -7.28 24.02
N MET D 147 11.30 -5.98 23.86
CA MET D 147 11.59 -5.40 22.53
C MET D 147 12.87 -5.99 21.95
N LYS D 148 13.91 -6.01 22.76
CA LYS D 148 15.22 -6.53 22.34
C LYS D 148 15.15 -7.99 21.90
N VAL D 149 14.48 -8.82 22.68
CA VAL D 149 14.31 -10.23 22.30
C VAL D 149 13.48 -10.39 21.03
N LEU D 150 12.35 -9.69 20.95
CA LEU D 150 11.45 -9.83 19.79
C LEU D 150 12.07 -9.30 18.49
N PHE D 151 12.57 -8.08 18.51
CA PHE D 151 13.22 -7.50 17.35
C PHE D 151 14.52 -8.20 16.96
N GLY D 152 15.27 -8.71 17.93
CA GLY D 152 16.43 -9.52 17.61
C GLY D 152 16.04 -10.79 16.88
N HIS D 153 14.98 -11.44 17.33
CA HIS D 153 14.42 -12.60 16.66
C HIS D 153 14.00 -12.26 15.25
N LEU D 154 13.32 -11.13 15.11
CA LEU D 154 12.81 -10.71 13.80
C LEU D 154 13.91 -10.40 12.78
N THR D 155 15.08 -9.97 13.25
CA THR D 155 16.23 -9.77 12.36
C THR D 155 16.67 -11.09 11.72
N LYS D 156 16.40 -12.21 12.40
CA LYS D 156 16.67 -13.56 11.84
C LYS D 156 15.63 -13.96 10.79
N ILE D 157 14.43 -13.41 10.87
CA ILE D 157 13.41 -13.63 9.85
C ILE D 157 13.80 -12.88 8.57
N VAL D 158 14.24 -11.63 8.74
CA VAL D 158 14.66 -10.79 7.61
C VAL D 158 15.86 -11.41 6.88
N ALA D 159 16.82 -11.92 7.67
CA ALA D 159 18.02 -12.62 7.17
C ALA D 159 17.71 -13.81 6.26
N LYS D 160 16.58 -14.45 6.51
CA LYS D 160 16.13 -15.61 5.74
C LYS D 160 15.03 -15.26 4.74
N ALA D 161 14.93 -13.97 4.39
CA ALA D 161 13.96 -13.45 3.41
C ALA D 161 13.85 -14.24 2.09
N SER D 162 14.99 -14.73 1.60
CA SER D 162 15.03 -15.59 0.41
C SER D 162 14.16 -16.85 0.56
N LYS D 163 14.09 -17.38 1.78
CA LYS D 163 13.35 -18.62 2.08
C LYS D 163 11.93 -18.40 2.60
N ASN D 164 11.77 -17.36 3.43
CA ASN D 164 10.45 -17.04 4.06
C ASN D 164 9.64 -15.97 3.35
N LEU D 165 10.27 -15.24 2.42
CA LEU D 165 9.58 -14.26 1.58
C LEU D 165 8.99 -13.08 2.37
N MET D 166 9.52 -12.82 3.55
CA MET D 166 9.17 -11.66 4.34
C MET D 166 10.24 -10.57 4.16
N SER D 167 9.91 -9.36 4.55
CA SER D 167 10.82 -8.22 4.44
C SER D 167 10.66 -7.38 5.70
N THR D 168 11.55 -6.42 5.90
CA THR D 168 11.38 -5.42 6.93
C THR D 168 10.00 -4.72 6.84
N GLN D 169 9.55 -4.47 5.61
CA GLN D 169 8.31 -3.75 5.30
C GLN D 169 7.07 -4.57 5.68
N SER D 170 7.06 -5.83 5.31
CA SER D 170 5.94 -6.72 5.66
C SER D 170 5.90 -7.07 7.13
N LEU D 171 7.05 -7.18 7.76
CA LEU D 171 7.10 -7.37 9.21
C LEU D 171 6.65 -6.09 9.95
N GLY D 172 7.00 -4.90 9.43
CA GLY D 172 6.49 -3.65 10.01
C GLY D 172 4.97 -3.53 9.92
N ILE D 173 4.41 -4.05 8.85
CA ILE D 173 2.98 -4.07 8.63
C ILE D 173 2.28 -4.93 9.64
N VAL D 174 2.92 -6.05 10.00
CA VAL D 174 2.38 -6.97 11.01
C VAL D 174 2.59 -6.39 12.39
N PHE D 175 3.82 -5.98 12.71
CA PHE D 175 4.18 -5.62 14.06
C PHE D 175 3.93 -4.17 14.48
N GLY D 176 3.75 -3.28 13.54
CA GLY D 176 3.38 -1.90 13.87
C GLY D 176 2.11 -1.82 14.72
N PRO D 177 0.99 -2.33 14.18
CA PRO D 177 -0.24 -2.36 14.93
C PRO D 177 -0.18 -3.23 16.18
N THR D 178 0.51 -4.37 16.11
CA THR D 178 0.63 -5.30 17.24
C THR D 178 1.38 -4.74 18.41
N LEU D 179 2.44 -3.95 18.18
CA LEU D 179 3.32 -3.49 19.24
C LEU D 179 3.08 -2.05 19.70
N LEU D 180 2.55 -1.22 18.81
CA LEU D 180 2.38 0.18 19.11
C LEU D 180 0.91 0.55 19.20
N ARG D 181 0.08 -0.10 18.38
CA ARG D 181 -1.35 -0.03 18.57
C ARG D 181 -1.77 1.43 18.61
N ALA D 182 -1.28 2.18 17.63
CA ALA D 182 -1.39 3.64 17.59
C ALA D 182 -2.55 4.10 16.73
N GLU D 183 -3.27 3.15 16.12
CA GLU D 183 -4.36 3.42 15.16
C GLU D 183 -5.40 4.37 15.74
N ASN D 184 -5.79 4.15 16.99
CA ASN D 184 -6.84 5.00 17.60
C ASN D 184 -6.35 6.13 18.51
N GLU D 185 -5.03 6.29 18.64
CA GLU D 185 -4.49 7.49 19.28
C GLU D 185 -5.06 8.76 18.59
N THR D 186 -5.42 9.75 19.42
CA THR D 186 -6.16 10.90 18.93
C THR D 186 -5.34 11.69 17.90
N GLY D 187 -6.00 12.05 16.81
CA GLY D 187 -5.31 12.57 15.64
C GLY D 187 -5.70 11.82 14.38
N ASN D 188 -4.77 11.77 13.42
CA ASN D 188 -5.06 11.24 12.10
C ASN D 188 -4.59 9.80 11.95
N MET D 189 -5.50 8.93 11.52
CA MET D 189 -5.32 7.49 11.54
C MET D 189 -4.40 6.93 10.47
N ALA D 190 -4.69 7.22 9.20
CA ALA D 190 -3.78 6.87 8.09
C ALA D 190 -2.35 7.19 8.49
N ILE D 191 -2.20 8.37 9.08
CA ILE D 191 -0.94 8.93 9.46
C ILE D 191 -0.31 8.12 10.55
N HIS D 192 -1.08 7.76 11.58
CA HIS D 192 -0.54 7.02 12.72
C HIS D 192 -0.19 5.61 12.33
N MET D 193 -0.89 5.07 11.34
CA MET D 193 -0.51 3.77 10.82
C MET D 193 0.88 3.76 10.20
N VAL D 194 1.20 4.79 9.42
CA VAL D 194 2.54 4.93 8.86
C VAL D 194 3.56 5.16 9.98
N TYR D 195 3.22 5.95 10.98
CA TYR D 195 4.11 6.21 12.10
C TYR D 195 4.56 4.95 12.75
N GLN D 196 3.60 4.08 13.09
CA GLN D 196 3.93 2.88 13.83
C GLN D 196 4.71 1.88 13.02
N ASN D 197 4.37 1.73 11.74
CA ASN D 197 5.08 0.83 10.85
C ASN D 197 6.51 1.29 10.59
N GLN D 198 6.70 2.59 10.45
CA GLN D 198 8.05 3.16 10.31
C GLN D 198 8.91 2.99 11.59
N ILE D 199 8.30 3.12 12.76
CA ILE D 199 9.02 2.87 14.02
C ILE D 199 9.44 1.41 14.08
N ALA D 200 8.50 0.50 13.78
CA ALA D 200 8.78 -0.93 13.75
C ALA D 200 9.91 -1.26 12.75
N GLU D 201 9.83 -0.71 11.55
CA GLU D 201 10.86 -0.92 10.54
C GLU D 201 12.24 -0.48 10.99
N LEU D 202 12.32 0.67 11.67
CA LEU D 202 13.61 1.17 12.18
C LEU D 202 14.18 0.33 13.32
N MET D 203 13.34 -0.13 14.23
CA MET D 203 13.78 -1.00 15.32
C MET D 203 14.35 -2.32 14.78
N LEU D 204 13.77 -2.79 13.69
CA LEU D 204 14.17 -4.02 13.03
C LEU D 204 15.45 -3.83 12.23
N SER D 205 15.46 -2.84 11.33
CA SER D 205 16.57 -2.64 10.39
C SER D 205 17.83 -2.06 11.04
N GLU D 206 17.67 -1.37 12.18
CA GLU D 206 18.82 -0.82 12.91
C GLU D 206 18.90 -1.43 14.32
N TYR D 207 18.48 -2.68 14.42
CA TYR D 207 18.47 -3.41 15.69
C TYR D 207 19.81 -3.31 16.41
N SER D 208 20.89 -3.58 15.69
CA SER D 208 22.24 -3.65 16.27
C SER D 208 22.65 -2.30 16.86
N LYS D 209 22.41 -1.22 16.13
CA LYS D 209 22.77 0.11 16.63
C LYS D 209 21.85 0.53 17.78
N ILE D 210 20.57 0.13 17.73
CA ILE D 210 19.60 0.54 18.75
C ILE D 210 19.75 -0.27 20.04
N PHE D 211 19.94 -1.59 19.91
CA PHE D 211 19.97 -2.48 21.07
C PHE D 211 21.39 -2.96 21.47
N GLY D 212 22.42 -2.37 20.86
CA GLY D 212 23.82 -2.65 21.18
C GLY D 212 24.30 -3.92 20.52
#